data_5G3R
#
_entry.id   5G3R
#
_cell.length_a   66.657
_cell.length_b   74.629
_cell.length_c   75.560
_cell.angle_alpha   90.00
_cell.angle_beta   110.94
_cell.angle_gamma   90.00
#
_symmetry.space_group_name_H-M   'P 1 21 1'
#
loop_
_entity.id
_entity.type
_entity.pdbx_description
1 polymer Beta-hexosaminidase
2 non-polymer 2-acetamido-2-deoxy-beta-D-glucopyranose
3 non-polymer 2-[[(2R)-2-[[(1R,2S,3R,4R,5R)-4-acetamido-2-oxidanyl-6,8-dioxabicyclo[3.2.1]octan-3-yl]oxy]propanoyl]amino]propanamide
4 non-polymer DI(HYDROXYETHYL)ETHER
5 water water
#
_entity_poly.entity_id   1
_entity_poly.type   'polypeptide(L)'
_entity_poly.pdbx_seq_one_letter_code
;MGSSHHHHHHSSGLVPRGSHMQGSLMLDIGGTWLTAEDRQILRHPEVGGLIIFARNIEHPAQVRELCAAIRAIRPDLLLA
VDQEGGRVQRLRQGFVRLPAMRAIADNPNAEELAEHCGWLMATEVQAVGLDLSFAPVLDLDHQRSAVVGSRAFEGDPERA
ALLAGAFIRGMHAAGMAATGKHFPGHGWAEADSHVAIPEDARSLEEIRRSDLVPFARLAGQLDALMPAHVIYPQVDPQPA
GFSRRWLQEILRGELKFDGVIFSDDLSMAGAHVVGDAASRIEAALAAGCDMGLVCNDRASAELALAALQRLKVTPPSRLQ
RMRGKGYANTDYRQQPRWLEALSALRAAQLID
;
_entity_poly.pdbx_strand_id   A,B
#
# COMPACT_ATOMS: atom_id res chain seq x y z
N GLY A 18 -11.91 -44.87 -7.05
CA GLY A 18 -11.57 -43.71 -6.23
C GLY A 18 -10.11 -43.32 -6.33
N SER A 19 -9.85 -42.01 -6.49
CA SER A 19 -8.48 -41.55 -6.67
C SER A 19 -7.71 -41.60 -5.35
N HIS A 20 -6.54 -42.25 -5.38
CA HIS A 20 -5.52 -42.09 -4.34
C HIS A 20 -4.75 -40.82 -4.69
N MET A 21 -5.08 -39.73 -4.00
CA MET A 21 -4.99 -38.46 -4.69
C MET A 21 -3.57 -37.94 -4.82
N GLN A 22 -3.44 -37.00 -5.73
CA GLN A 22 -2.27 -36.15 -5.92
C GLN A 22 -2.56 -34.80 -5.30
N GLY A 23 -1.50 -34.13 -4.89
CA GLY A 23 -1.65 -32.83 -4.27
C GLY A 23 -0.32 -32.39 -3.71
N SER A 24 -0.26 -31.11 -3.35
CA SER A 24 0.97 -30.50 -2.90
C SER A 24 0.63 -29.29 -2.03
N LEU A 25 1.60 -28.87 -1.21
CA LEU A 25 1.48 -27.73 -0.31
C LEU A 25 2.48 -26.64 -0.69
N MET A 26 1.99 -25.40 -0.78
CA MET A 26 2.84 -24.21 -0.88
C MET A 26 2.74 -23.43 0.43
N LEU A 27 3.89 -23.14 1.03
CA LEU A 27 3.92 -22.48 2.33
C LEU A 27 4.84 -21.27 2.31
N ASP A 28 5.15 -20.70 3.47
CA ASP A 28 5.99 -19.52 3.52
C ASP A 28 6.84 -19.56 4.79
N ILE A 29 7.76 -18.59 4.91
CA ILE A 29 8.67 -18.51 6.04
C ILE A 29 8.56 -17.13 6.68
N GLY A 30 9.17 -17.01 7.87
CA GLY A 30 8.99 -15.81 8.67
C GLY A 30 9.92 -14.68 8.29
N GLY A 31 11.11 -15.00 7.77
CA GLY A 31 12.15 -14.00 7.66
C GLY A 31 12.93 -13.94 6.35
N THR A 32 14.09 -13.31 6.40
CA THR A 32 14.88 -13.05 5.21
C THR A 32 15.91 -14.13 4.93
N TRP A 33 16.00 -15.15 5.79
CA TRP A 33 16.82 -16.33 5.56
C TRP A 33 16.17 -17.51 6.27
N LEU A 34 16.58 -18.72 5.87
CA LEU A 34 15.95 -19.96 6.35
C LEU A 34 16.45 -20.31 7.76
N THR A 35 15.51 -20.41 8.72
CA THR A 35 15.77 -21.01 10.02
C THR A 35 15.94 -22.53 9.89
N ALA A 36 16.29 -23.19 11.00
CA ALA A 36 16.43 -24.65 10.98
C ALA A 36 15.09 -25.34 10.78
N GLU A 37 14.00 -24.78 11.33
CA GLU A 37 12.67 -25.37 11.12
C GLU A 37 12.22 -25.18 9.68
N ASP A 38 12.48 -23.99 9.12
CA ASP A 38 12.27 -23.78 7.69
C ASP A 38 12.90 -24.91 6.88
N ARG A 39 14.19 -25.16 7.09
CA ARG A 39 14.90 -26.18 6.30
C ARG A 39 14.31 -27.56 6.48
N GLN A 40 13.88 -27.90 7.69
CA GLN A 40 13.34 -29.24 7.92
C GLN A 40 11.97 -29.39 7.27
N ILE A 41 11.13 -28.36 7.33
CA ILE A 41 9.82 -28.52 6.72
C ILE A 41 9.95 -28.55 5.21
N LEU A 42 10.89 -27.79 4.65
CA LEU A 42 11.04 -27.78 3.19
C LEU A 42 11.46 -29.14 2.64
N ARG A 43 12.06 -30.00 3.47
CA ARG A 43 12.54 -31.29 2.97
C ARG A 43 11.41 -32.24 2.63
N HIS A 44 10.21 -31.98 3.09
CA HIS A 44 9.18 -32.98 2.90
C HIS A 44 8.66 -32.91 1.46
N PRO A 45 8.57 -34.05 0.76
CA PRO A 45 8.17 -34.03 -0.66
C PRO A 45 6.74 -33.53 -0.90
N GLU A 46 5.82 -33.72 0.04
CA GLU A 46 4.49 -33.15 -0.14
C GLU A 46 4.49 -31.63 -0.18
N VAL A 47 5.56 -30.99 0.27
CA VAL A 47 5.73 -29.56 0.13
C VAL A 47 6.26 -29.28 -1.27
N GLY A 48 5.49 -28.56 -2.07
CA GLY A 48 5.90 -28.35 -3.44
C GLY A 48 6.24 -26.92 -3.79
N GLY A 49 5.94 -25.97 -2.90
CA GLY A 49 6.12 -24.58 -3.24
C GLY A 49 6.38 -23.72 -2.03
N LEU A 50 6.92 -22.53 -2.30
CA LEU A 50 7.09 -21.47 -1.31
C LEU A 50 6.80 -20.15 -1.99
N ILE A 51 5.98 -19.31 -1.36
CA ILE A 51 5.70 -17.94 -1.83
C ILE A 51 6.37 -16.95 -0.86
N ILE A 52 6.99 -15.89 -1.41
CA ILE A 52 7.60 -14.88 -0.56
C ILE A 52 6.72 -13.63 -0.49
N PHE A 53 6.92 -12.86 0.58
CA PHE A 53 6.20 -11.61 0.90
C PHE A 53 7.21 -10.54 1.28
N ALA A 54 6.69 -9.35 1.62
CA ALA A 54 7.53 -8.20 1.92
C ALA A 54 8.46 -8.47 3.10
N ARG A 55 8.00 -9.19 4.13
CA ARG A 55 8.84 -9.49 5.28
C ARG A 55 10.04 -10.39 4.95
N ASN A 56 10.03 -11.05 3.79
CA ASN A 56 11.14 -11.90 3.36
C ASN A 56 12.13 -11.16 2.48
N ILE A 57 11.89 -9.90 2.18
CA ILE A 57 12.56 -9.21 1.08
C ILE A 57 13.26 -7.98 1.63
N GLU A 58 14.58 -7.90 1.40
CA GLU A 58 15.40 -6.75 1.71
C GLU A 58 15.94 -6.10 0.43
N HIS A 59 16.93 -6.72 -0.19
CA HIS A 59 17.58 -6.25 -1.41
C HIS A 59 17.68 -7.39 -2.40
N PRO A 60 17.88 -7.10 -3.70
CA PRO A 60 17.90 -8.17 -4.70
C PRO A 60 18.95 -9.24 -4.44
N ALA A 61 20.19 -8.85 -4.08
CA ALA A 61 21.20 -9.86 -3.74
C ALA A 61 20.70 -10.81 -2.65
N GLN A 62 19.83 -10.34 -1.78
CA GLN A 62 19.43 -11.17 -0.65
C GLN A 62 18.28 -12.09 -1.05
N VAL A 63 17.38 -11.65 -1.93
CA VAL A 63 16.40 -12.58 -2.50
C VAL A 63 17.09 -13.67 -3.32
N ARG A 64 18.08 -13.31 -4.15
CA ARG A 64 18.82 -14.33 -4.89
C ARG A 64 19.48 -15.36 -3.95
N GLU A 65 20.01 -14.92 -2.80
CA GLU A 65 20.61 -15.84 -1.83
C GLU A 65 19.54 -16.68 -1.14
N LEU A 66 18.41 -16.08 -0.80
CA LEU A 66 17.29 -16.86 -0.27
C LEU A 66 16.90 -17.97 -1.24
N CYS A 67 16.69 -17.63 -2.52
CA CYS A 67 16.31 -18.64 -3.52
C CYS A 67 17.37 -19.72 -3.67
N ALA A 68 18.65 -19.34 -3.75
CA ALA A 68 19.72 -20.33 -3.80
C ALA A 68 19.74 -21.18 -2.54
N ALA A 69 19.57 -20.56 -1.37
CA ALA A 69 19.48 -21.34 -0.14
C ALA A 69 18.41 -22.41 -0.28
N ILE A 70 17.24 -22.04 -0.79
CA ILE A 70 16.14 -22.99 -0.91
C ILE A 70 16.48 -24.07 -1.94
N ARG A 71 17.07 -23.68 -3.07
CA ARG A 71 17.39 -24.70 -4.07
C ARG A 71 18.49 -25.65 -3.58
N ALA A 72 19.35 -25.20 -2.66
CA ALA A 72 20.32 -26.14 -2.11
C ALA A 72 19.62 -27.27 -1.37
N ILE A 73 18.40 -27.03 -0.89
CA ILE A 73 17.61 -28.01 -0.18
C ILE A 73 16.69 -28.77 -1.12
N ARG A 74 15.98 -28.07 -2.00
CA ARG A 74 14.97 -28.68 -2.87
C ARG A 74 15.12 -28.05 -4.25
N PRO A 75 15.92 -28.64 -5.13
CA PRO A 75 16.12 -28.04 -6.45
C PRO A 75 14.84 -28.00 -7.28
N ASP A 76 13.81 -28.76 -6.91
CA ASP A 76 12.56 -28.88 -7.66
C ASP A 76 11.43 -27.96 -7.17
N LEU A 77 11.67 -27.13 -6.16
CA LEU A 77 10.59 -26.36 -5.54
C LEU A 77 10.11 -25.23 -6.46
N LEU A 78 8.80 -24.97 -6.43
CA LEU A 78 8.25 -23.78 -7.08
C LEU A 78 8.36 -22.59 -6.15
N LEU A 79 8.98 -21.52 -6.63
CA LEU A 79 9.13 -20.29 -5.86
C LEU A 79 8.31 -19.18 -6.52
N ALA A 80 7.38 -18.61 -5.74
CA ALA A 80 6.36 -17.68 -6.20
C ALA A 80 6.38 -16.37 -5.41
N VAL A 81 5.74 -15.35 -6.01
CA VAL A 81 5.60 -14.03 -5.41
C VAL A 81 4.40 -13.36 -6.09
N ASP A 82 3.79 -12.36 -5.42
CA ASP A 82 2.72 -11.56 -6.03
C ASP A 82 3.35 -10.29 -6.59
N GLN A 83 3.65 -10.28 -7.88
CA GLN A 83 4.34 -9.15 -8.52
C GLN A 83 3.45 -8.76 -9.69
N GLU A 84 2.41 -7.97 -9.41
CA GLU A 84 1.47 -7.54 -10.45
C GLU A 84 1.84 -6.18 -11.02
N GLY A 85 2.23 -5.26 -10.16
CA GLY A 85 2.28 -3.84 -10.49
C GLY A 85 1.25 -3.08 -9.68
N GLY A 86 1.40 -1.77 -9.69
CA GLY A 86 0.42 -0.95 -8.99
C GLY A 86 0.50 -1.16 -7.50
N ARG A 87 -0.63 -1.47 -6.88
CA ARG A 87 -0.68 -1.54 -5.42
C ARG A 87 -0.30 -2.93 -4.88
N VAL A 88 -0.01 -3.88 -5.76
CA VAL A 88 0.44 -5.22 -5.37
C VAL A 88 1.78 -5.45 -6.07
N GLN A 89 2.88 -5.12 -5.38
CA GLN A 89 4.23 -5.33 -5.91
C GLN A 89 5.17 -5.61 -4.74
N ARG A 90 5.51 -6.89 -4.51
CA ARG A 90 6.34 -7.22 -3.34
C ARG A 90 7.80 -6.84 -3.58
N LEU A 91 8.32 -7.07 -4.78
CA LEU A 91 9.72 -6.77 -5.08
C LEU A 91 9.79 -5.30 -5.49
N ARG A 92 10.23 -4.44 -4.58
CA ARG A 92 10.23 -2.99 -4.78
C ARG A 92 11.64 -2.43 -4.90
N GLN A 93 12.42 -2.41 -3.82
CA GLN A 93 13.73 -1.77 -3.86
C GLN A 93 14.68 -2.54 -4.78
N GLY A 94 15.40 -1.81 -5.64
CA GLY A 94 16.18 -2.42 -6.71
C GLY A 94 15.38 -2.97 -7.88
N PHE A 95 14.08 -2.68 -7.97
CA PHE A 95 13.24 -3.16 -9.05
C PHE A 95 12.54 -2.00 -9.77
N VAL A 96 12.15 -2.24 -11.01
CA VAL A 96 11.35 -1.24 -11.73
C VAL A 96 9.96 -1.21 -11.10
N ARG A 97 9.49 -0.01 -10.79
CA ARG A 97 8.15 0.09 -10.20
C ARG A 97 7.13 -0.06 -11.32
N LEU A 98 6.32 -1.04 -11.23
CA LEU A 98 5.45 -1.37 -12.34
C LEU A 98 4.10 -0.66 -12.23
N PRO A 99 3.46 -0.40 -13.37
CA PRO A 99 2.15 0.27 -13.33
C PRO A 99 1.06 -0.68 -12.84
N ALA A 100 0.02 -0.09 -12.28
CA ALA A 100 -1.23 -0.82 -12.11
C ALA A 100 -1.78 -1.25 -13.47
N MET A 101 -2.42 -2.42 -13.50
CA MET A 101 -3.05 -2.90 -14.73
C MET A 101 -3.98 -1.86 -15.33
N ARG A 102 -4.68 -1.10 -14.47
CA ARG A 102 -5.66 -0.12 -14.95
C ARG A 102 -4.98 1.02 -15.70
N ALA A 103 -3.81 1.47 -15.22
CA ALA A 103 -3.12 2.54 -15.92
C ALA A 103 -2.65 2.08 -17.30
N ILE A 104 -2.26 0.80 -17.43
CA ILE A 104 -1.85 0.28 -18.74
C ILE A 104 -2.96 0.47 -19.77
N ALA A 105 -4.21 0.15 -19.38
CA ALA A 105 -5.32 0.23 -20.32
C ALA A 105 -5.53 1.64 -20.85
N ASP A 106 -5.14 2.66 -20.08
CA ASP A 106 -5.42 4.05 -20.43
C ASP A 106 -4.34 4.63 -21.35
N ASN A 107 -4.14 3.96 -22.49
CA ASN A 107 -3.21 4.42 -23.50
C ASN A 107 -3.72 3.98 -24.86
N PRO A 108 -3.39 4.71 -25.94
CA PRO A 108 -3.77 4.21 -27.27
C PRO A 108 -3.12 2.89 -27.57
N ASN A 109 -1.87 2.73 -27.18
CA ASN A 109 -1.06 1.54 -27.45
C ASN A 109 -1.06 0.59 -26.27
N ALA A 110 -2.23 0.32 -25.69
CA ALA A 110 -2.31 -0.49 -24.47
C ALA A 110 -1.80 -1.91 -24.69
N GLU A 111 -2.12 -2.53 -25.84
CA GLU A 111 -1.72 -3.91 -26.09
C GLU A 111 -0.20 -4.06 -26.10
N GLU A 112 0.52 -3.14 -26.73
CA GLU A 112 1.97 -3.28 -26.76
C GLU A 112 2.56 -3.02 -25.38
N LEU A 113 2.03 -2.02 -24.66
CA LEU A 113 2.54 -1.71 -23.33
C LEU A 113 2.22 -2.85 -22.36
N ALA A 114 1.05 -3.48 -22.49
CA ALA A 114 0.76 -4.63 -21.64
C ALA A 114 1.77 -5.74 -21.87
N GLU A 115 2.14 -5.99 -23.13
CA GLU A 115 3.11 -7.03 -23.42
C GLU A 115 4.48 -6.66 -22.87
N HIS A 116 4.86 -5.40 -23.02
CA HIS A 116 6.12 -4.92 -22.45
C HIS A 116 6.15 -5.08 -20.93
N CYS A 117 5.05 -4.70 -20.25
CA CYS A 117 4.99 -4.87 -18.80
C CYS A 117 5.15 -6.32 -18.37
N GLY A 118 4.38 -7.23 -19.00
CA GLY A 118 4.51 -8.63 -18.63
C GLY A 118 5.93 -9.14 -18.78
N TRP A 119 6.59 -8.77 -19.90
CA TRP A 119 7.96 -9.22 -20.14
C TRP A 119 8.92 -8.66 -19.10
N LEU A 120 8.83 -7.35 -18.81
CA LEU A 120 9.73 -6.73 -17.83
C LEU A 120 9.53 -7.29 -16.42
N MET A 121 8.28 -7.41 -15.97
CA MET A 121 8.02 -7.98 -14.65
C MET A 121 8.61 -9.39 -14.54
N ALA A 122 8.32 -10.24 -15.53
CA ALA A 122 8.77 -11.62 -15.48
C ALA A 122 10.28 -11.77 -15.58
N THR A 123 10.98 -10.89 -16.33
CA THR A 123 12.42 -11.08 -16.34
C THR A 123 13.04 -10.60 -15.05
N GLU A 124 12.54 -9.50 -14.46
CA GLU A 124 13.11 -9.05 -13.18
C GLU A 124 12.84 -10.06 -12.08
N VAL A 125 11.64 -10.67 -12.08
CA VAL A 125 11.34 -11.65 -11.04
C VAL A 125 12.25 -12.87 -11.17
N GLN A 126 12.47 -13.36 -12.37
CA GLN A 126 13.34 -14.52 -12.48
C GLN A 126 14.81 -14.17 -12.32
N ALA A 127 15.18 -12.91 -12.52
CA ALA A 127 16.58 -12.54 -12.29
C ALA A 127 16.99 -12.65 -10.82
N VAL A 128 16.04 -12.74 -9.88
CA VAL A 128 16.39 -12.93 -8.48
C VAL A 128 16.15 -14.36 -8.00
N GLY A 129 15.90 -15.31 -8.90
CA GLY A 129 15.84 -16.71 -8.51
C GLY A 129 14.44 -17.31 -8.36
N LEU A 130 13.39 -16.56 -8.66
CA LEU A 130 12.02 -17.05 -8.51
C LEU A 130 11.49 -17.64 -9.81
N ASP A 131 10.58 -18.61 -9.71
CA ASP A 131 9.99 -19.18 -10.91
C ASP A 131 8.86 -18.33 -11.47
N LEU A 132 7.98 -17.80 -10.60
CA LEU A 132 6.74 -17.26 -11.12
C LEU A 132 6.20 -16.11 -10.27
N SER A 133 5.42 -15.27 -10.93
CA SER A 133 4.56 -14.30 -10.30
C SER A 133 3.11 -14.76 -10.48
N PHE A 134 2.31 -14.61 -9.42
CA PHE A 134 0.90 -14.93 -9.50
C PHE A 134 0.21 -13.77 -10.22
N ALA A 135 0.27 -13.81 -11.55
CA ALA A 135 -0.28 -12.78 -12.44
C ALA A 135 -0.61 -13.37 -13.81
N PRO A 136 -1.54 -12.75 -14.56
CA PRO A 136 -2.24 -11.48 -14.32
C PRO A 136 -3.62 -11.62 -13.71
N VAL A 137 -4.15 -10.51 -13.18
CA VAL A 137 -5.54 -10.46 -12.72
C VAL A 137 -6.47 -10.37 -13.93
N LEU A 138 -7.33 -11.38 -14.08
CA LEU A 138 -8.40 -11.41 -15.06
C LEU A 138 -9.74 -10.91 -14.51
N ASP A 139 -9.79 -10.42 -13.26
CA ASP A 139 -11.02 -9.86 -12.71
C ASP A 139 -11.43 -8.61 -13.50
N LEU A 140 -12.70 -8.24 -13.37
CA LEU A 140 -13.28 -7.09 -14.06
C LEU A 140 -13.54 -5.97 -13.07
N ASP A 141 -13.19 -4.75 -13.45
CA ASP A 141 -13.43 -3.57 -12.62
C ASP A 141 -14.85 -3.10 -12.87
N HIS A 142 -15.78 -3.53 -12.00
CA HIS A 142 -17.15 -3.03 -12.01
C HIS A 142 -17.35 -1.87 -11.02
N GLN A 143 -16.27 -1.39 -10.37
CA GLN A 143 -16.36 -0.36 -9.33
C GLN A 143 -17.16 -0.88 -8.14
N ARG A 144 -16.86 -2.07 -7.74
CA ARG A 144 -17.63 -2.76 -6.73
C ARG A 144 -16.81 -3.49 -5.70
N SER A 145 -15.70 -4.09 -6.10
CA SER A 145 -14.87 -4.88 -5.20
C SER A 145 -13.64 -4.06 -4.85
N ALA A 146 -13.46 -3.78 -3.56
CA ALA A 146 -12.27 -3.08 -3.11
C ALA A 146 -10.99 -3.90 -3.30
N VAL A 147 -11.10 -5.22 -3.42
CA VAL A 147 -9.89 -6.02 -3.69
C VAL A 147 -9.52 -6.07 -5.17
N VAL A 148 -10.34 -5.53 -6.06
CA VAL A 148 -9.97 -5.48 -7.47
C VAL A 148 -9.48 -4.07 -7.79
N GLY A 149 -10.41 -3.15 -8.09
CA GLY A 149 -10.02 -1.77 -8.37
C GLY A 149 -8.98 -1.70 -9.47
N SER A 150 -7.92 -0.93 -9.23
CA SER A 150 -6.91 -0.73 -10.26
C SER A 150 -6.13 -2.00 -10.58
N ARG A 151 -6.40 -3.11 -9.90
CA ARG A 151 -5.70 -4.36 -10.22
C ARG A 151 -6.24 -5.02 -11.48
N ALA A 152 -7.43 -4.65 -11.94
CA ALA A 152 -7.96 -5.18 -13.20
C ALA A 152 -7.61 -4.26 -14.37
N PHE A 153 -7.49 -4.86 -15.56
CA PHE A 153 -7.22 -4.08 -16.77
C PHE A 153 -8.40 -3.20 -17.17
N GLU A 154 -9.62 -3.70 -17.04
CA GLU A 154 -10.76 -3.09 -17.70
C GLU A 154 -12.04 -3.60 -17.04
N GLY A 155 -13.15 -2.97 -17.39
CA GLY A 155 -14.46 -3.46 -17.02
C GLY A 155 -15.13 -4.17 -18.19
N ASP A 156 -14.77 -3.79 -19.42
CA ASP A 156 -15.27 -4.49 -20.60
C ASP A 156 -14.63 -5.88 -20.64
N PRO A 157 -15.42 -6.95 -20.71
CA PRO A 157 -14.81 -8.29 -20.68
C PRO A 157 -13.82 -8.53 -21.80
N GLU A 158 -14.18 -8.21 -23.03
CA GLU A 158 -13.34 -8.59 -24.18
C GLU A 158 -12.03 -7.82 -24.21
N ARG A 159 -12.06 -6.53 -23.85
CA ARG A 159 -10.81 -5.76 -23.82
C ARG A 159 -9.91 -6.18 -22.67
N ALA A 160 -10.48 -6.55 -21.52
CA ALA A 160 -9.69 -7.15 -20.45
C ALA A 160 -9.00 -8.43 -20.92
N ALA A 161 -9.72 -9.30 -21.62
CA ALA A 161 -9.09 -10.52 -22.14
C ALA A 161 -8.03 -10.20 -23.19
N LEU A 162 -8.25 -9.18 -24.02
CA LEU A 162 -7.24 -8.81 -25.01
C LEU A 162 -5.95 -8.32 -24.34
N LEU A 163 -6.07 -7.40 -23.39
CA LEU A 163 -4.88 -6.83 -22.76
C LEU A 163 -4.18 -7.84 -21.84
N ALA A 164 -4.95 -8.67 -21.12
CA ALA A 164 -4.32 -9.70 -20.30
C ALA A 164 -3.64 -10.76 -21.17
N GLY A 165 -4.20 -11.06 -22.34
CA GLY A 165 -3.54 -12.00 -23.24
C GLY A 165 -2.21 -11.48 -23.74
N ALA A 166 -2.12 -10.16 -23.98
CA ALA A 166 -0.85 -9.54 -24.35
C ALA A 166 0.11 -9.54 -23.18
N PHE A 167 -0.39 -9.29 -21.96
CA PHE A 167 0.46 -9.39 -20.78
C PHE A 167 1.07 -10.79 -20.66
N ILE A 168 0.25 -11.82 -20.91
CA ILE A 168 0.72 -13.20 -20.78
C ILE A 168 1.75 -13.54 -21.87
N ARG A 169 1.53 -13.07 -23.10
CA ARG A 169 2.55 -13.25 -24.13
C ARG A 169 3.88 -12.69 -23.66
N GLY A 170 3.83 -11.56 -22.97
CA GLY A 170 5.06 -10.96 -22.47
C GLY A 170 5.75 -11.85 -21.46
N MET A 171 5.01 -12.33 -20.45
CA MET A 171 5.59 -13.25 -19.47
C MET A 171 6.16 -14.50 -20.14
N HIS A 172 5.49 -15.02 -21.17
CA HIS A 172 5.98 -16.24 -21.80
C HIS A 172 7.31 -16.04 -22.51
N ALA A 173 7.44 -14.94 -23.28
CA ALA A 173 8.71 -14.68 -23.97
C ALA A 173 9.86 -14.55 -22.98
N ALA A 174 9.58 -14.10 -21.78
CA ALA A 174 10.57 -14.02 -20.73
C ALA A 174 10.84 -15.36 -20.06
N GLY A 175 10.05 -16.39 -20.39
CA GLY A 175 10.23 -17.72 -19.85
C GLY A 175 9.38 -18.08 -18.64
N MET A 176 8.31 -17.34 -18.37
CA MET A 176 7.57 -17.49 -17.12
C MET A 176 6.16 -17.99 -17.41
N ALA A 177 5.72 -18.97 -16.63
CA ALA A 177 4.35 -19.46 -16.72
C ALA A 177 3.41 -18.46 -16.07
N ALA A 178 2.16 -18.43 -16.56
CA ALA A 178 1.14 -17.46 -16.18
C ALA A 178 0.04 -18.05 -15.33
N THR A 179 -0.42 -17.30 -14.31
CA THR A 179 -1.44 -17.72 -13.36
C THR A 179 -2.55 -16.66 -13.36
N GLY A 180 -3.65 -16.94 -14.05
CA GLY A 180 -4.77 -16.02 -14.04
C GLY A 180 -5.54 -16.14 -12.75
N LYS A 181 -6.21 -15.08 -12.35
CA LYS A 181 -6.96 -15.09 -11.09
C LYS A 181 -7.88 -13.88 -11.08
N HIS A 182 -9.00 -13.90 -10.36
CA HIS A 182 -9.41 -14.98 -9.47
C HIS A 182 -10.65 -15.72 -9.97
N PHE A 183 -10.45 -16.90 -10.55
CA PHE A 183 -11.54 -17.69 -11.16
C PHE A 183 -12.70 -17.94 -10.19
N PRO A 184 -13.95 -17.73 -10.63
CA PRO A 184 -14.36 -17.30 -11.96
C PRO A 184 -14.56 -15.79 -12.06
N GLY A 185 -14.00 -15.02 -11.13
CA GLY A 185 -14.08 -13.58 -11.22
C GLY A 185 -14.48 -12.93 -9.91
N HIS A 186 -13.60 -12.06 -9.40
CA HIS A 186 -13.86 -11.38 -8.14
C HIS A 186 -14.57 -10.04 -8.30
N GLY A 187 -14.91 -9.64 -9.54
CA GLY A 187 -15.24 -8.24 -9.78
C GLY A 187 -16.57 -7.80 -9.20
N TRP A 188 -17.58 -8.66 -9.23
CA TRP A 188 -18.92 -8.27 -8.82
C TRP A 188 -19.16 -8.40 -7.31
N ALA A 189 -18.39 -9.23 -6.61
CA ALA A 189 -18.62 -9.48 -5.19
C ALA A 189 -17.73 -8.60 -4.33
N GLU A 190 -18.24 -8.16 -3.18
CA GLU A 190 -17.50 -7.32 -2.24
C GLU A 190 -16.18 -7.94 -1.83
N ALA A 191 -15.35 -7.18 -1.10
CA ALA A 191 -13.93 -7.49 -0.96
C ALA A 191 -13.65 -8.29 0.31
N ASP A 192 -14.18 -9.52 0.33
CA ASP A 192 -13.98 -10.50 1.39
C ASP A 192 -14.00 -9.84 2.77
N SER A 193 -15.18 -9.41 3.21
CA SER A 193 -15.32 -8.80 4.53
C SER A 193 -15.02 -9.83 5.61
N HIS A 194 -14.92 -9.35 6.84
CA HIS A 194 -14.71 -10.23 7.99
C HIS A 194 -16.02 -10.79 8.54
N VAL A 195 -17.17 -10.30 8.07
CA VAL A 195 -18.45 -10.77 8.60
C VAL A 195 -18.90 -12.05 7.90
N ALA A 196 -18.64 -12.18 6.60
CA ALA A 196 -19.06 -13.36 5.87
C ALA A 196 -18.22 -13.51 4.62
N ILE A 197 -18.19 -14.72 4.08
CA ILE A 197 -17.62 -14.92 2.75
C ILE A 197 -18.44 -14.11 1.75
N PRO A 198 -17.83 -13.34 0.87
CA PRO A 198 -18.60 -12.52 -0.06
C PRO A 198 -19.25 -13.38 -1.13
N GLU A 199 -20.36 -12.87 -1.65
CA GLU A 199 -21.16 -13.60 -2.61
C GLU A 199 -21.38 -12.77 -3.86
N ASP A 200 -21.56 -13.48 -4.96
CA ASP A 200 -21.91 -12.96 -6.26
C ASP A 200 -23.17 -13.74 -6.61
N ALA A 201 -24.34 -13.10 -6.44
CA ALA A 201 -25.62 -13.77 -6.44
C ALA A 201 -26.22 -13.94 -7.84
N ARG A 202 -25.42 -13.80 -8.89
CA ARG A 202 -26.02 -13.79 -10.22
C ARG A 202 -26.15 -15.21 -10.78
N SER A 203 -27.07 -15.36 -11.72
CA SER A 203 -27.23 -16.61 -12.44
C SER A 203 -25.96 -16.98 -13.20
N LEU A 204 -25.78 -18.29 -13.43
CA LEU A 204 -24.61 -18.76 -14.17
C LEU A 204 -24.50 -18.13 -15.55
N GLU A 205 -25.63 -17.85 -16.20
CA GLU A 205 -25.60 -17.25 -17.53
C GLU A 205 -25.21 -15.78 -17.49
N GLU A 206 -25.55 -15.08 -16.42
CA GLU A 206 -25.05 -13.72 -16.24
C GLU A 206 -23.53 -13.72 -16.09
N ILE A 207 -22.99 -14.65 -15.31
CA ILE A 207 -21.55 -14.73 -15.07
C ILE A 207 -20.82 -15.15 -16.34
N ARG A 208 -21.35 -16.16 -17.03
CA ARG A 208 -20.79 -16.60 -18.31
C ARG A 208 -20.71 -15.46 -19.31
N ARG A 209 -21.68 -14.55 -19.27
CA ARG A 209 -21.78 -13.43 -20.19
C ARG A 209 -20.81 -12.30 -19.89
N SER A 210 -20.20 -12.29 -18.71
CA SER A 210 -19.35 -11.19 -18.30
C SER A 210 -18.05 -11.66 -17.66
N ASP A 211 -18.05 -11.83 -16.33
CA ASP A 211 -16.81 -12.07 -15.60
C ASP A 211 -16.14 -13.36 -16.01
N LEU A 212 -16.87 -14.30 -16.61
CA LEU A 212 -16.24 -15.54 -17.06
C LEU A 212 -15.51 -15.39 -18.38
N VAL A 213 -15.76 -14.31 -19.11
CA VAL A 213 -15.22 -14.18 -20.47
C VAL A 213 -13.70 -14.19 -20.49
N PRO A 214 -12.99 -13.38 -19.68
CA PRO A 214 -11.52 -13.45 -19.71
C PRO A 214 -10.97 -14.83 -19.43
N PHE A 215 -11.59 -15.59 -18.54
CA PHE A 215 -11.09 -16.94 -18.30
C PHE A 215 -11.37 -17.84 -19.48
N ALA A 216 -12.50 -17.60 -20.15
CA ALA A 216 -12.86 -18.42 -21.31
C ALA A 216 -11.92 -18.17 -22.47
N ARG A 217 -11.60 -16.90 -22.75
CA ARG A 217 -10.69 -16.59 -23.85
C ARG A 217 -9.34 -17.23 -23.64
N LEU A 218 -8.81 -17.14 -22.42
CA LEU A 218 -7.40 -17.36 -22.12
C LEU A 218 -7.12 -18.73 -21.51
N ALA A 219 -8.14 -19.58 -21.41
CA ALA A 219 -7.97 -20.89 -20.82
C ALA A 219 -6.93 -21.71 -21.57
N GLY A 220 -6.83 -21.50 -22.87
CA GLY A 220 -5.85 -22.23 -23.65
C GLY A 220 -4.43 -21.71 -23.52
N GLN A 221 -4.25 -20.49 -23.02
CA GLN A 221 -2.92 -19.92 -22.95
C GLN A 221 -2.38 -19.86 -21.53
N LEU A 222 -3.26 -19.78 -20.54
CA LEU A 222 -2.84 -19.77 -19.15
C LEU A 222 -2.24 -21.11 -18.78
N ASP A 223 -1.17 -21.08 -17.99
CA ASP A 223 -0.56 -22.29 -17.49
C ASP A 223 -1.21 -22.75 -16.19
N ALA A 224 -1.79 -21.80 -15.43
CA ALA A 224 -2.37 -22.07 -14.12
C ALA A 224 -3.49 -21.06 -13.85
N LEU A 225 -4.32 -21.39 -12.86
CA LEU A 225 -5.38 -20.52 -12.39
C LEU A 225 -5.48 -20.62 -10.87
N MET A 226 -6.05 -19.58 -10.28
CA MET A 226 -6.30 -19.52 -8.85
C MET A 226 -7.73 -19.06 -8.64
N PRO A 227 -8.49 -19.69 -7.74
CA PRO A 227 -9.89 -19.31 -7.54
C PRO A 227 -10.04 -18.10 -6.63
N ALA A 228 -11.21 -17.48 -6.74
CA ALA A 228 -11.69 -16.46 -5.81
C ALA A 228 -12.30 -17.10 -4.57
N HIS A 229 -12.12 -16.44 -3.43
CA HIS A 229 -12.76 -16.87 -2.18
C HIS A 229 -14.16 -16.26 -2.12
N VAL A 230 -15.02 -16.75 -2.98
CA VAL A 230 -16.32 -16.15 -3.25
C VAL A 230 -17.31 -17.28 -3.46
N ILE A 231 -18.49 -17.15 -2.86
CA ILE A 231 -19.58 -18.08 -3.09
C ILE A 231 -20.50 -17.50 -4.16
N TYR A 232 -20.87 -18.32 -5.14
CA TYR A 232 -21.82 -17.93 -6.16
C TYR A 232 -23.05 -18.82 -5.97
N PRO A 233 -24.01 -18.43 -5.10
CA PRO A 233 -25.03 -19.38 -4.64
C PRO A 233 -25.94 -19.92 -5.73
N GLN A 234 -26.13 -19.21 -6.84
CA GLN A 234 -26.97 -19.80 -7.87
C GLN A 234 -26.25 -20.92 -8.64
N VAL A 235 -24.98 -21.16 -8.35
CA VAL A 235 -24.19 -22.20 -9.01
C VAL A 235 -23.74 -23.28 -8.04
N ASP A 236 -23.27 -22.89 -6.85
CA ASP A 236 -22.76 -23.84 -5.87
C ASP A 236 -22.75 -23.17 -4.51
N PRO A 237 -23.09 -23.88 -3.43
CA PRO A 237 -23.05 -23.26 -2.10
C PRO A 237 -21.64 -23.10 -1.54
N GLN A 238 -20.63 -23.60 -2.21
CA GLN A 238 -19.28 -23.54 -1.66
C GLN A 238 -18.47 -22.45 -2.34
N PRO A 239 -17.45 -21.92 -1.68
CA PRO A 239 -16.51 -21.04 -2.40
C PRO A 239 -15.93 -21.81 -3.59
N ALA A 240 -15.66 -21.06 -4.67
CA ALA A 240 -15.29 -21.68 -5.94
C ALA A 240 -14.07 -22.59 -5.80
N GLY A 241 -13.10 -22.20 -4.97
CA GLY A 241 -11.90 -23.01 -4.78
C GLY A 241 -12.12 -24.35 -4.10
N PHE A 242 -13.38 -24.67 -3.77
CA PHE A 242 -13.72 -25.92 -3.10
C PHE A 242 -14.85 -26.65 -3.80
N SER A 243 -15.26 -26.18 -5.00
CA SER A 243 -16.44 -26.66 -5.68
C SER A 243 -16.03 -27.50 -6.89
N ARG A 244 -16.47 -28.78 -6.91
CA ARG A 244 -16.22 -29.59 -8.10
C ARG A 244 -17.03 -29.09 -9.30
N ARG A 245 -18.19 -28.47 -9.07
CA ARG A 245 -18.93 -27.90 -10.18
C ARG A 245 -18.16 -26.77 -10.85
N TRP A 246 -17.52 -25.88 -10.05
CA TRP A 246 -16.78 -24.78 -10.67
C TRP A 246 -15.52 -25.30 -11.35
N LEU A 247 -14.68 -26.06 -10.63
CA LEU A 247 -13.34 -26.42 -11.07
C LEU A 247 -13.33 -27.57 -12.08
N GLN A 248 -14.26 -28.52 -11.95
CA GLN A 248 -14.33 -29.68 -12.84
C GLN A 248 -15.32 -29.48 -13.98
N GLU A 249 -16.60 -29.24 -13.66
CA GLU A 249 -17.61 -29.14 -14.71
C GLU A 249 -17.42 -27.89 -15.55
N ILE A 250 -17.22 -26.74 -14.91
CA ILE A 250 -17.18 -25.50 -15.69
C ILE A 250 -15.77 -25.23 -16.21
N LEU A 251 -14.75 -25.28 -15.34
CA LEU A 251 -13.41 -24.85 -15.70
C LEU A 251 -12.72 -25.87 -16.60
N ARG A 252 -12.62 -27.12 -16.14
CA ARG A 252 -11.96 -28.12 -16.98
C ARG A 252 -12.89 -28.66 -18.06
N GLY A 253 -14.19 -28.70 -17.79
CA GLY A 253 -15.11 -29.21 -18.78
C GLY A 253 -15.47 -28.18 -19.83
N GLU A 254 -16.30 -27.21 -19.44
CA GLU A 254 -16.84 -26.27 -20.43
C GLU A 254 -15.76 -25.35 -20.99
N LEU A 255 -14.79 -24.94 -20.17
CA LEU A 255 -13.74 -24.05 -20.66
C LEU A 255 -12.47 -24.78 -21.06
N LYS A 256 -12.46 -26.14 -21.03
CA LYS A 256 -11.36 -27.05 -21.37
C LYS A 256 -10.00 -26.60 -20.86
N PHE A 257 -9.94 -26.06 -19.65
CA PHE A 257 -8.65 -25.65 -19.08
C PHE A 257 -7.86 -26.88 -18.66
N ASP A 258 -6.58 -26.91 -19.04
CA ASP A 258 -5.74 -28.07 -18.81
C ASP A 258 -4.58 -27.80 -17.88
N GLY A 259 -4.42 -26.58 -17.37
CA GLY A 259 -3.27 -26.24 -16.57
C GLY A 259 -3.39 -26.61 -15.10
N VAL A 260 -2.53 -25.99 -14.31
CA VAL A 260 -2.45 -26.19 -12.87
C VAL A 260 -3.51 -25.34 -12.17
N ILE A 261 -4.16 -25.89 -11.14
CA ILE A 261 -5.08 -25.15 -10.28
C ILE A 261 -4.42 -24.99 -8.92
N PHE A 262 -4.13 -23.74 -8.52
CA PHE A 262 -3.77 -23.43 -7.14
C PHE A 262 -5.04 -23.19 -6.34
N SER A 263 -5.01 -23.50 -5.06
CA SER A 263 -6.13 -23.08 -4.23
C SER A 263 -5.95 -21.61 -3.86
N ASP A 264 -6.99 -21.03 -3.27
CA ASP A 264 -6.86 -19.75 -2.59
C ASP A 264 -6.11 -19.96 -1.27
N ASP A 265 -5.93 -18.89 -0.50
CA ASP A 265 -5.18 -18.95 0.77
C ASP A 265 -6.00 -19.74 1.80
N LEU A 266 -5.62 -20.99 2.04
CA LEU A 266 -6.40 -21.86 2.93
C LEU A 266 -6.38 -21.38 4.38
N SER A 267 -5.44 -20.53 4.76
CA SER A 267 -5.32 -20.02 6.12
C SER A 267 -5.48 -18.52 6.17
N MET A 268 -6.27 -17.96 5.25
CA MET A 268 -6.42 -16.52 5.22
C MET A 268 -7.23 -16.04 6.42
N ALA A 269 -6.97 -14.79 6.83
CA ALA A 269 -7.78 -14.15 7.86
C ALA A 269 -9.11 -13.72 7.24
N GLY A 270 -10.21 -14.18 7.86
CA GLY A 270 -11.54 -13.97 7.31
C GLY A 270 -12.05 -15.09 6.44
N ALA A 271 -11.47 -16.30 6.55
CA ALA A 271 -11.80 -17.39 5.65
C ALA A 271 -13.25 -17.82 5.79
N HIS A 272 -13.76 -17.90 7.03
CA HIS A 272 -15.11 -18.38 7.33
C HIS A 272 -15.33 -19.78 6.77
N VAL A 273 -14.36 -20.66 6.96
CA VAL A 273 -14.49 -22.07 6.64
C VAL A 273 -14.28 -22.86 7.93
N VAL A 274 -15.26 -23.68 8.30
CA VAL A 274 -15.12 -24.50 9.48
C VAL A 274 -14.14 -25.63 9.20
N GLY A 275 -13.39 -26.01 10.23
CA GLY A 275 -12.35 -27.02 10.10
C GLY A 275 -10.97 -26.41 10.02
N ASP A 276 -9.99 -27.12 10.58
CA ASP A 276 -8.62 -26.66 10.56
C ASP A 276 -8.04 -26.80 9.14
N ALA A 277 -6.77 -26.45 9.01
CA ALA A 277 -6.13 -26.47 7.70
C ALA A 277 -6.05 -27.88 7.11
N ALA A 278 -6.11 -28.92 7.94
CA ALA A 278 -6.08 -30.29 7.43
C ALA A 278 -7.32 -30.62 6.61
N SER A 279 -8.52 -30.31 7.12
CA SER A 279 -9.69 -30.59 6.32
C SER A 279 -9.81 -29.63 5.13
N ARG A 280 -9.33 -28.40 5.26
CA ARG A 280 -9.44 -27.49 4.11
C ARG A 280 -8.56 -27.94 2.94
N ILE A 281 -7.32 -28.36 3.19
CA ILE A 281 -6.48 -28.80 2.07
C ILE A 281 -7.05 -30.07 1.44
N GLU A 282 -7.59 -30.98 2.26
CA GLU A 282 -8.30 -32.13 1.70
C GLU A 282 -9.44 -31.68 0.79
N ALA A 283 -10.29 -30.78 1.29
CA ALA A 283 -11.39 -30.26 0.48
C ALA A 283 -10.90 -29.61 -0.80
N ALA A 284 -9.86 -28.77 -0.70
CA ALA A 284 -9.32 -28.14 -1.89
C ALA A 284 -8.89 -29.19 -2.91
N LEU A 285 -8.18 -30.23 -2.44
CA LEU A 285 -7.67 -31.25 -3.34
C LEU A 285 -8.80 -32.09 -3.92
N ALA A 286 -9.80 -32.43 -3.12
CA ALA A 286 -10.92 -33.22 -3.61
C ALA A 286 -11.72 -32.47 -4.66
N ALA A 287 -11.77 -31.15 -4.54
CA ALA A 287 -12.50 -30.34 -5.52
C ALA A 287 -11.77 -30.27 -6.86
N GLY A 288 -10.44 -30.41 -6.85
CA GLY A 288 -9.70 -30.40 -8.10
C GLY A 288 -8.46 -29.52 -8.10
N CYS A 289 -8.10 -28.96 -6.95
CA CYS A 289 -6.86 -28.18 -6.88
C CYS A 289 -5.64 -29.10 -6.94
N ASP A 290 -4.54 -28.57 -7.47
CA ASP A 290 -3.29 -29.32 -7.51
C ASP A 290 -2.36 -28.96 -6.35
N MET A 291 -2.41 -27.73 -5.85
CA MET A 291 -1.51 -27.30 -4.78
C MET A 291 -2.27 -26.38 -3.84
N GLY A 292 -2.12 -26.62 -2.54
CA GLY A 292 -2.82 -25.83 -1.51
C GLY A 292 -1.89 -24.82 -0.88
N LEU A 293 -2.39 -23.59 -0.76
CA LEU A 293 -1.61 -22.46 -0.25
C LEU A 293 -1.96 -22.24 1.22
N VAL A 294 -0.97 -22.36 2.10
CA VAL A 294 -1.14 -22.02 3.50
C VAL A 294 -0.19 -20.86 3.83
N CYS A 295 -0.72 -19.64 3.81
CA CYS A 295 0.05 -18.42 4.01
C CYS A 295 0.01 -17.92 5.45
N ASN A 296 1.12 -17.33 5.87
CA ASN A 296 1.23 -16.50 7.08
C ASN A 296 0.84 -17.24 8.37
N ASP A 297 0.94 -18.56 8.41
CA ASP A 297 0.48 -19.34 9.56
C ASP A 297 1.19 -20.70 9.55
N ARG A 298 2.32 -20.77 10.26
CA ARG A 298 3.16 -21.97 10.18
C ARG A 298 2.49 -23.15 10.88
N ALA A 299 1.82 -22.88 12.00
CA ALA A 299 1.14 -23.96 12.72
C ALA A 299 0.11 -24.66 11.83
N SER A 300 -0.63 -23.89 11.02
CA SER A 300 -1.56 -24.48 10.06
C SER A 300 -0.83 -25.19 8.92
N ALA A 301 0.28 -24.60 8.46
CA ALA A 301 1.05 -25.27 7.41
C ALA A 301 1.45 -26.67 7.85
N GLU A 302 1.92 -26.81 9.08
CA GLU A 302 2.30 -28.12 9.59
C GLU A 302 1.11 -29.08 9.72
N LEU A 303 -0.08 -28.56 10.04
CA LEU A 303 -1.25 -29.45 10.08
C LEU A 303 -1.63 -29.91 8.68
N ALA A 304 -1.55 -29.02 7.68
CA ALA A 304 -1.84 -29.43 6.31
C ALA A 304 -0.79 -30.40 5.79
N LEU A 305 0.48 -30.18 6.12
CA LEU A 305 1.52 -31.15 5.76
C LEU A 305 1.21 -32.51 6.41
N ALA A 306 0.90 -32.51 7.71
CA ALA A 306 0.54 -33.78 8.35
C ALA A 306 -0.57 -34.48 7.58
N ALA A 307 -1.56 -33.72 7.12
CA ALA A 307 -2.69 -34.31 6.40
C ALA A 307 -2.25 -34.90 5.07
N LEU A 308 -1.41 -34.19 4.31
CA LEU A 308 -0.95 -34.72 3.03
C LEU A 308 -0.16 -36.01 3.24
N GLN A 309 0.61 -36.08 4.34
CA GLN A 309 1.37 -37.28 4.64
C GLN A 309 0.45 -38.46 4.89
N ARG A 310 -0.62 -38.25 5.67
CA ARG A 310 -1.58 -39.32 5.96
C ARG A 310 -2.23 -39.84 4.68
N LEU A 311 -2.52 -38.96 3.74
CA LEU A 311 -3.16 -39.40 2.51
C LEU A 311 -2.17 -39.96 1.50
N LYS A 312 -0.87 -39.97 1.82
CA LYS A 312 0.17 -40.47 0.91
C LYS A 312 0.06 -39.83 -0.47
N VAL A 313 -0.23 -38.52 -0.51
CA VAL A 313 -0.31 -37.86 -1.81
C VAL A 313 1.06 -37.89 -2.50
N THR A 314 1.03 -37.83 -3.84
CA THR A 314 2.16 -37.67 -4.71
C THR A 314 1.94 -36.40 -5.54
N PRO A 315 3.00 -35.80 -6.10
CA PRO A 315 2.85 -34.49 -6.73
C PRO A 315 2.04 -34.58 -7.99
N PRO A 316 1.21 -33.58 -8.29
CA PRO A 316 0.55 -33.55 -9.61
C PRO A 316 1.61 -33.54 -10.69
N SER A 317 1.34 -34.31 -11.74
CA SER A 317 2.27 -34.44 -12.85
C SER A 317 2.64 -33.07 -13.44
N ARG A 318 1.62 -32.26 -13.72
CA ARG A 318 1.71 -30.98 -14.41
C ARG A 318 2.45 -29.89 -13.62
N LEU A 319 2.81 -30.12 -12.35
CA LEU A 319 3.34 -29.03 -11.53
C LEU A 319 4.66 -28.49 -12.08
N GLN A 320 5.50 -29.34 -12.67
CA GLN A 320 6.80 -28.85 -13.15
C GLN A 320 6.66 -27.89 -14.33
N ARG A 321 5.48 -27.77 -14.94
CA ARG A 321 5.31 -26.81 -16.01
C ARG A 321 5.29 -25.37 -15.52
N MET A 322 5.13 -25.14 -14.21
CA MET A 322 5.21 -23.80 -13.64
C MET A 322 6.65 -23.32 -13.35
N ARG A 323 7.67 -24.18 -13.47
CA ARG A 323 9.04 -23.76 -13.21
C ARG A 323 9.50 -22.74 -14.25
N GLY A 324 10.17 -21.71 -13.77
CA GLY A 324 10.63 -20.67 -14.67
C GLY A 324 11.69 -21.19 -15.64
N LYS A 325 11.68 -20.63 -16.85
CA LYS A 325 12.66 -20.97 -17.86
C LYS A 325 13.76 -19.94 -18.00
N GLY A 326 13.66 -18.81 -17.31
CA GLY A 326 14.80 -17.94 -17.11
C GLY A 326 15.71 -18.48 -16.01
N TYR A 327 16.65 -17.63 -15.58
CA TYR A 327 17.59 -18.02 -14.54
C TYR A 327 17.99 -16.80 -13.73
N ALA A 328 18.60 -17.06 -12.58
CA ALA A 328 19.13 -15.99 -11.72
C ALA A 328 20.41 -15.43 -12.33
N ASN A 329 20.41 -14.12 -12.56
CA ASN A 329 21.51 -13.46 -13.26
C ASN A 329 21.52 -12.01 -12.85
N THR A 330 22.55 -11.30 -13.31
CA THR A 330 22.64 -9.85 -13.20
C THR A 330 22.78 -9.23 -14.60
N ASP A 331 22.24 -9.91 -15.61
CA ASP A 331 22.61 -9.75 -17.02
C ASP A 331 21.55 -9.09 -17.88
N TYR A 332 20.27 -9.29 -17.55
CA TYR A 332 19.19 -9.05 -18.51
C TYR A 332 19.16 -7.63 -19.02
N ARG A 333 19.69 -6.68 -18.26
CA ARG A 333 19.61 -5.28 -18.66
C ARG A 333 20.45 -5.00 -19.89
N GLN A 334 21.38 -5.90 -20.25
CA GLN A 334 22.10 -5.80 -21.51
C GLN A 334 21.39 -6.51 -22.65
N GLN A 335 20.31 -7.24 -22.36
CA GLN A 335 19.49 -7.83 -23.41
C GLN A 335 18.89 -6.73 -24.27
N PRO A 336 18.82 -6.92 -25.59
CA PRO A 336 18.25 -5.88 -26.45
C PRO A 336 16.88 -5.43 -25.97
N ARG A 337 15.95 -6.38 -25.80
CA ARG A 337 14.56 -6.04 -25.50
C ARG A 337 14.40 -5.18 -24.24
N TRP A 338 15.31 -5.32 -23.27
CA TRP A 338 15.21 -4.56 -22.03
C TRP A 338 15.05 -3.07 -22.29
N LEU A 339 15.90 -2.51 -23.16
CA LEU A 339 15.85 -1.08 -23.43
C LEU A 339 14.59 -0.66 -24.20
N GLU A 340 14.03 -1.52 -25.09
CA GLU A 340 12.77 -1.16 -25.75
C GLU A 340 11.63 -1.08 -24.74
N ALA A 341 11.54 -2.07 -23.86
CA ALA A 341 10.51 -2.04 -22.83
C ALA A 341 10.63 -0.76 -22.02
N LEU A 342 11.84 -0.44 -21.56
CA LEU A 342 12.04 0.78 -20.80
C LEU A 342 11.60 2.01 -21.59
N SER A 343 12.08 2.15 -22.82
CA SER A 343 11.71 3.32 -23.61
C SER A 343 10.19 3.39 -23.82
N ALA A 344 9.58 2.29 -24.28
CA ALA A 344 8.15 2.32 -24.54
C ALA A 344 7.35 2.67 -23.28
N LEU A 345 7.73 2.11 -22.13
CA LEU A 345 6.97 2.36 -20.92
C LEU A 345 7.27 3.73 -20.33
N ARG A 346 8.50 4.23 -20.50
CA ARG A 346 8.79 5.59 -20.06
C ARG A 346 8.04 6.62 -20.90
N ALA A 347 7.85 6.31 -22.19
CA ALA A 347 7.11 7.20 -23.08
C ALA A 347 5.66 7.33 -22.67
N ALA A 348 5.08 6.24 -22.19
CA ALA A 348 3.69 6.25 -21.74
C ALA A 348 3.55 6.74 -20.31
N GLN A 349 4.65 7.12 -19.67
CA GLN A 349 4.64 7.63 -18.29
C GLN A 349 4.05 6.58 -17.36
N LEU A 350 4.30 5.31 -17.69
CA LEU A 350 3.89 4.20 -16.87
C LEU A 350 4.95 3.79 -15.85
N ILE A 351 6.21 4.15 -16.09
CA ILE A 351 7.29 3.87 -15.17
C ILE A 351 8.22 5.09 -15.12
N ASP A 352 9.24 4.98 -14.28
CA ASP A 352 10.35 5.93 -14.28
C ASP A 352 11.69 5.20 -14.32
N HIS B 20 -13.65 36.76 19.86
CA HIS B 20 -13.47 36.83 18.42
C HIS B 20 -12.39 35.85 17.94
N MET B 21 -12.69 34.56 17.99
CA MET B 21 -11.65 33.56 17.89
C MET B 21 -11.16 33.38 16.45
N GLN B 22 -9.95 32.83 16.34
CA GLN B 22 -9.27 32.60 15.08
C GLN B 22 -9.34 31.12 14.70
N GLY B 23 -9.36 30.86 13.41
CA GLY B 23 -9.44 29.48 12.96
C GLY B 23 -9.49 29.43 11.45
N SER B 24 -9.32 28.20 10.94
CA SER B 24 -9.29 27.99 9.50
C SER B 24 -9.62 26.53 9.20
N LEU B 25 -10.05 26.29 7.97
CA LEU B 25 -10.46 24.99 7.46
C LEU B 25 -9.49 24.53 6.37
N MET B 26 -9.09 23.27 6.42
CA MET B 26 -8.40 22.61 5.31
C MET B 26 -9.29 21.48 4.77
N LEU B 27 -9.53 21.50 3.47
CA LEU B 27 -10.37 20.48 2.84
C LEU B 27 -9.66 19.86 1.64
N ASP B 28 -10.40 19.14 0.81
CA ASP B 28 -9.85 18.46 -0.36
C ASP B 28 -10.89 18.46 -1.47
N ILE B 29 -10.56 17.84 -2.61
CA ILE B 29 -11.41 17.80 -3.80
C ILE B 29 -11.51 16.39 -4.35
N GLY B 30 -12.39 16.22 -5.33
CA GLY B 30 -12.70 14.91 -5.88
C GLY B 30 -11.72 14.41 -6.91
N GLY B 31 -11.18 15.30 -7.75
CA GLY B 31 -10.49 14.83 -8.93
C GLY B 31 -9.18 15.50 -9.28
N THR B 32 -8.75 15.30 -10.51
CA THR B 32 -7.45 15.75 -10.98
C THR B 32 -7.43 17.19 -11.46
N TRP B 33 -8.61 17.83 -11.49
CA TRP B 33 -8.74 19.25 -11.79
C TRP B 33 -9.96 19.78 -11.04
N LEU B 34 -10.08 21.11 -10.99
CA LEU B 34 -11.04 21.80 -10.14
C LEU B 34 -12.41 21.91 -10.81
N THR B 35 -13.43 21.37 -10.16
CA THR B 35 -14.81 21.61 -10.57
C THR B 35 -15.25 23.06 -10.24
N ALA B 36 -16.39 23.47 -10.80
CA ALA B 36 -16.94 24.78 -10.47
C ALA B 36 -17.26 24.89 -8.97
N GLU B 37 -17.77 23.81 -8.38
CA GLU B 37 -18.00 23.78 -6.93
C GLU B 37 -16.70 23.97 -6.16
N ASP B 38 -15.66 23.21 -6.52
CA ASP B 38 -14.33 23.38 -5.93
C ASP B 38 -13.89 24.84 -5.97
N ARG B 39 -14.03 25.48 -7.13
CA ARG B 39 -13.56 26.85 -7.28
C ARG B 39 -14.34 27.79 -6.38
N GLN B 40 -15.63 27.53 -6.21
CA GLN B 40 -16.47 28.40 -5.39
C GLN B 40 -16.16 28.22 -3.90
N ILE B 41 -15.99 26.98 -3.43
CA ILE B 41 -15.72 26.81 -2.01
C ILE B 41 -14.32 27.34 -1.68
N LEU B 42 -13.37 27.22 -2.60
CA LEU B 42 -12.03 27.73 -2.29
C LEU B 42 -12.02 29.24 -2.11
N ARG B 43 -13.05 29.94 -2.58
CA ARG B 43 -13.00 31.40 -2.52
C ARG B 43 -13.26 31.93 -1.13
N HIS B 44 -13.87 31.14 -0.22
CA HIS B 44 -14.19 31.66 1.08
C HIS B 44 -12.92 31.81 1.92
N PRO B 45 -12.77 32.92 2.63
CA PRO B 45 -11.53 33.16 3.39
C PRO B 45 -11.35 32.24 4.59
N GLU B 46 -12.43 31.70 5.14
CA GLU B 46 -12.30 30.71 6.21
C GLU B 46 -11.53 29.46 5.77
N VAL B 47 -11.49 29.20 4.47
CA VAL B 47 -10.74 28.08 3.92
C VAL B 47 -9.28 28.50 3.80
N GLY B 48 -8.42 27.82 4.54
CA GLY B 48 -7.02 28.19 4.52
C GLY B 48 -6.14 27.17 3.83
N GLY B 49 -6.66 25.98 3.55
CA GLY B 49 -5.76 24.93 3.10
C GLY B 49 -6.48 23.92 2.23
N LEU B 50 -5.67 23.23 1.44
CA LEU B 50 -6.14 22.05 0.72
C LEU B 50 -5.06 20.97 0.79
N ILE B 51 -5.48 19.71 0.99
CA ILE B 51 -4.59 18.56 0.99
C ILE B 51 -4.94 17.68 -0.21
N ILE B 52 -3.92 17.15 -0.89
CA ILE B 52 -4.15 16.26 -2.04
C ILE B 52 -3.85 14.83 -1.63
N PHE B 53 -4.56 13.90 -2.29
CA PHE B 53 -4.47 12.46 -2.10
C PHE B 53 -4.24 11.80 -3.46
N ALA B 54 -4.14 10.46 -3.45
CA ALA B 54 -3.88 9.68 -4.67
C ALA B 54 -4.86 9.99 -5.80
N ARG B 55 -6.15 10.12 -5.47
CA ARG B 55 -7.13 10.33 -6.53
C ARG B 55 -6.95 11.67 -7.24
N ASN B 56 -6.21 12.60 -6.64
CA ASN B 56 -5.98 13.91 -7.24
C ASN B 56 -4.71 13.95 -8.09
N ILE B 57 -4.03 12.83 -8.24
CA ILE B 57 -2.64 12.81 -8.72
C ILE B 57 -2.53 11.88 -9.91
N GLU B 58 -2.05 12.42 -11.04
CA GLU B 58 -1.74 11.62 -12.23
C GLU B 58 -0.25 11.67 -12.54
N HIS B 59 0.27 12.83 -12.93
CA HIS B 59 1.65 13.03 -13.33
C HIS B 59 2.13 14.35 -12.73
N PRO B 60 3.45 14.56 -12.65
CA PRO B 60 3.96 15.85 -12.14
C PRO B 60 3.41 17.08 -12.85
N ALA B 61 3.41 17.09 -14.21
CA ALA B 61 2.85 18.23 -14.95
C ALA B 61 1.44 18.56 -14.47
N GLN B 62 0.64 17.52 -14.21
CA GLN B 62 -0.75 17.70 -13.86
C GLN B 62 -0.92 18.18 -12.42
N VAL B 63 -0.02 17.77 -11.51
CA VAL B 63 -0.07 18.29 -10.15
C VAL B 63 0.27 19.77 -10.14
N ARG B 64 1.30 20.18 -10.91
CA ARG B 64 1.64 21.59 -11.01
C ARG B 64 0.49 22.42 -11.54
N GLU B 65 -0.21 21.91 -12.56
CA GLU B 65 -1.37 22.63 -13.10
C GLU B 65 -2.48 22.70 -12.05
N LEU B 66 -2.73 21.60 -11.32
CA LEU B 66 -3.67 21.67 -10.20
C LEU B 66 -3.26 22.77 -9.23
N CYS B 67 -2.00 22.77 -8.79
CA CYS B 67 -1.56 23.80 -7.84
C CYS B 67 -1.66 25.19 -8.44
N ALA B 68 -1.30 25.33 -9.72
CA ALA B 68 -1.37 26.65 -10.34
C ALA B 68 -2.83 27.09 -10.50
N ALA B 69 -3.73 26.18 -10.85
CA ALA B 69 -5.13 26.53 -10.95
C ALA B 69 -5.67 27.00 -9.60
N ILE B 70 -5.26 26.34 -8.52
CA ILE B 70 -5.67 26.77 -7.19
C ILE B 70 -5.06 28.13 -6.84
N ARG B 71 -3.81 28.36 -7.22
CA ARG B 71 -3.20 29.65 -6.90
C ARG B 71 -3.80 30.79 -7.71
N ALA B 72 -4.35 30.52 -8.90
CA ALA B 72 -5.05 31.60 -9.60
C ALA B 72 -6.30 32.06 -8.83
N ILE B 73 -6.89 31.17 -8.04
CA ILE B 73 -8.03 31.50 -7.19
C ILE B 73 -7.57 32.08 -5.84
N ARG B 74 -6.63 31.41 -5.18
CA ARG B 74 -6.23 31.76 -3.81
C ARG B 74 -4.71 31.72 -3.75
N PRO B 75 -4.04 32.85 -4.01
CA PRO B 75 -2.57 32.87 -3.94
C PRO B 75 -2.02 32.53 -2.55
N ASP B 76 -2.82 32.68 -1.49
CA ASP B 76 -2.36 32.52 -0.11
C ASP B 76 -2.65 31.14 0.49
N LEU B 77 -3.28 30.25 -0.26
CA LEU B 77 -3.67 28.95 0.30
C LEU B 77 -2.46 28.07 0.62
N LEU B 78 -2.55 27.32 1.72
CA LEU B 78 -1.59 26.26 2.01
C LEU B 78 -1.97 24.98 1.28
N LEU B 79 -1.02 24.39 0.57
CA LEU B 79 -1.26 23.16 -0.19
C LEU B 79 -0.39 22.05 0.39
N ALA B 80 -1.05 20.98 0.86
CA ALA B 80 -0.40 19.90 1.59
C ALA B 80 -0.56 18.53 0.92
N VAL B 81 0.27 17.59 1.36
CA VAL B 81 0.20 16.20 0.93
C VAL B 81 0.86 15.35 2.02
N ASP B 82 0.41 14.08 2.14
CA ASP B 82 1.09 13.08 2.98
C ASP B 82 2.24 12.43 2.18
N GLN B 83 3.46 12.91 2.38
CA GLN B 83 4.62 12.40 1.62
C GLN B 83 5.74 12.09 2.61
N GLU B 84 5.73 10.87 3.16
CA GLU B 84 6.72 10.46 4.16
C GLU B 84 7.83 9.61 3.57
N GLY B 85 7.49 8.66 2.72
CA GLY B 85 8.39 7.60 2.31
C GLY B 85 7.74 6.30 2.68
N GLY B 86 8.17 5.20 2.06
CA GLY B 86 7.69 3.90 2.50
C GLY B 86 6.21 3.70 2.26
N ARG B 87 5.47 3.40 3.34
CA ARG B 87 4.06 3.04 3.24
C ARG B 87 3.21 4.21 2.74
N VAL B 88 3.56 5.44 3.14
CA VAL B 88 2.77 6.66 2.89
C VAL B 88 3.57 7.51 1.91
N GLN B 89 3.20 7.45 0.62
CA GLN B 89 3.80 8.34 -0.39
C GLN B 89 2.75 8.56 -1.48
N ARG B 90 2.10 9.73 -1.47
CA ARG B 90 1.09 10.00 -2.49
C ARG B 90 1.73 10.30 -3.83
N LEU B 91 2.80 11.11 -3.85
CA LEU B 91 3.46 11.50 -5.11
C LEU B 91 4.42 10.39 -5.53
N ARG B 92 3.99 9.54 -6.47
CA ARG B 92 4.74 8.33 -6.83
C ARG B 92 5.30 8.40 -8.26
N GLN B 93 4.45 8.32 -9.29
CA GLN B 93 4.93 8.33 -10.68
C GLN B 93 5.64 9.64 -11.00
N GLY B 94 6.86 9.53 -11.54
CA GLY B 94 7.69 10.68 -11.78
C GLY B 94 8.42 11.22 -10.57
N PHE B 95 8.31 10.53 -9.42
CA PHE B 95 8.96 10.93 -8.18
C PHE B 95 9.96 9.88 -7.73
N VAL B 96 11.01 10.33 -7.06
CA VAL B 96 11.90 9.39 -6.38
C VAL B 96 11.11 8.63 -5.34
N ARG B 97 11.21 7.30 -5.37
CA ARG B 97 10.55 6.49 -4.36
C ARG B 97 11.36 6.55 -3.07
N LEU B 98 10.73 7.00 -2.00
CA LEU B 98 11.46 7.28 -0.77
C LEU B 98 11.35 6.12 0.21
N PRO B 99 12.37 5.91 1.04
CA PRO B 99 12.34 4.76 1.96
C PRO B 99 11.45 5.03 3.17
N ALA B 100 10.99 3.93 3.77
CA ALA B 100 10.33 4.02 5.07
C ALA B 100 11.31 4.59 6.09
N MET B 101 10.78 5.36 7.04
CA MET B 101 11.64 5.94 8.08
C MET B 101 12.46 4.87 8.78
N ARG B 102 11.86 3.69 9.03
CA ARG B 102 12.55 2.63 9.73
C ARG B 102 13.78 2.15 8.98
N ALA B 103 13.71 2.14 7.65
CA ALA B 103 14.86 1.70 6.86
C ALA B 103 16.01 2.70 6.94
N ILE B 104 15.71 4.00 7.07
CA ILE B 104 16.76 4.99 7.26
C ILE B 104 17.57 4.66 8.51
N ALA B 105 16.88 4.45 9.64
CA ALA B 105 17.55 4.16 10.91
C ALA B 105 18.47 2.96 10.82
N ASP B 106 18.21 2.05 9.89
CA ASP B 106 18.98 0.80 9.81
C ASP B 106 20.25 0.98 8.97
N ASN B 107 21.08 1.97 9.31
CA ASN B 107 22.30 2.24 8.58
C ASN B 107 23.30 2.88 9.52
N PRO B 108 24.60 2.62 9.35
CA PRO B 108 25.59 3.25 10.24
C PRO B 108 25.56 4.77 10.18
N ASN B 109 25.37 5.33 8.98
CA ASN B 109 25.27 6.78 8.78
C ASN B 109 23.82 7.24 8.74
N ALA B 110 22.98 6.74 9.66
CA ALA B 110 21.55 7.02 9.59
C ALA B 110 21.24 8.52 9.65
N GLU B 111 22.03 9.30 10.38
CA GLU B 111 21.70 10.71 10.55
C GLU B 111 21.91 11.49 9.26
N GLU B 112 22.98 11.20 8.51
CA GLU B 112 23.17 11.91 7.25
C GLU B 112 22.08 11.52 6.24
N LEU B 113 21.71 10.24 6.19
CA LEU B 113 20.71 9.81 5.21
C LEU B 113 19.35 10.40 5.51
N ALA B 114 18.99 10.48 6.81
CA ALA B 114 17.75 11.13 7.20
C ALA B 114 17.71 12.57 6.70
N GLU B 115 18.84 13.28 6.84
CA GLU B 115 18.88 14.66 6.36
C GLU B 115 18.74 14.73 4.85
N HIS B 116 19.51 13.90 4.13
CA HIS B 116 19.34 13.77 2.69
C HIS B 116 17.89 13.45 2.33
N CYS B 117 17.27 12.47 3.00
CA CYS B 117 15.89 12.12 2.69
C CYS B 117 14.95 13.30 2.86
N GLY B 118 14.98 13.94 4.02
CA GLY B 118 14.09 15.09 4.22
C GLY B 118 14.28 16.15 3.16
N TRP B 119 15.53 16.39 2.77
CA TRP B 119 15.81 17.41 1.77
C TRP B 119 15.29 16.99 0.40
N LEU B 120 15.49 15.72 0.02
CA LEU B 120 15.02 15.29 -1.29
C LEU B 120 13.50 15.31 -1.38
N MET B 121 12.81 14.82 -0.33
CA MET B 121 11.35 14.78 -0.34
C MET B 121 10.77 16.20 -0.47
N ALA B 122 11.29 17.15 0.31
CA ALA B 122 10.77 18.51 0.28
C ALA B 122 11.03 19.21 -1.04
N THR B 123 12.20 18.99 -1.68
CA THR B 123 12.41 19.71 -2.94
C THR B 123 11.48 19.17 -4.03
N GLU B 124 11.25 17.85 -4.09
CA GLU B 124 10.37 17.29 -5.13
C GLU B 124 8.93 17.71 -4.89
N VAL B 125 8.51 17.74 -3.62
CA VAL B 125 7.14 18.16 -3.30
C VAL B 125 6.94 19.61 -3.71
N GLN B 126 7.84 20.49 -3.32
CA GLN B 126 7.65 21.88 -3.70
C GLN B 126 7.82 22.09 -5.19
N ALA B 127 8.62 21.24 -5.87
CA ALA B 127 8.75 21.37 -7.32
C ALA B 127 7.42 21.17 -8.09
N VAL B 128 6.42 20.50 -7.53
CA VAL B 128 5.14 20.36 -8.22
C VAL B 128 4.09 21.36 -7.69
N GLY B 129 4.53 22.40 -6.98
CA GLY B 129 3.64 23.49 -6.59
C GLY B 129 3.03 23.39 -5.21
N LEU B 130 3.42 22.41 -4.39
CA LEU B 130 2.87 22.28 -3.05
C LEU B 130 3.72 23.03 -2.02
N ASP B 131 3.08 23.39 -0.89
CA ASP B 131 3.87 24.05 0.17
C ASP B 131 4.57 23.05 1.08
N LEU B 132 3.90 21.95 1.44
CA LEU B 132 4.35 21.19 2.59
C LEU B 132 3.89 19.74 2.51
N SER B 133 4.69 18.87 3.11
CA SER B 133 4.31 17.48 3.38
C SER B 133 4.10 17.34 4.88
N PHE B 134 3.05 16.59 5.26
CA PHE B 134 2.76 16.33 6.66
C PHE B 134 3.73 15.25 7.15
N ALA B 135 4.93 15.71 7.54
CA ALA B 135 6.03 14.84 7.97
C ALA B 135 6.97 15.66 8.87
N PRO B 136 7.76 14.99 9.72
CA PRO B 136 7.96 13.56 9.92
C PRO B 136 7.12 12.99 11.04
N VAL B 137 7.00 11.67 11.00
CA VAL B 137 6.40 10.93 12.09
C VAL B 137 7.35 10.91 13.28
N LEU B 138 6.87 11.36 14.44
CA LEU B 138 7.62 11.30 15.68
C LEU B 138 7.13 10.18 16.61
N ASP B 139 6.12 9.42 16.19
CA ASP B 139 5.70 8.26 16.94
C ASP B 139 6.85 7.25 17.09
N LEU B 140 6.74 6.38 18.09
CA LEU B 140 7.71 5.33 18.35
C LEU B 140 7.11 3.97 18.06
N ASP B 141 7.88 3.12 17.40
CA ASP B 141 7.47 1.77 17.02
C ASP B 141 7.71 0.85 18.20
N HIS B 142 6.66 0.55 18.96
CA HIS B 142 6.70 -0.46 20.02
C HIS B 142 6.18 -1.83 19.53
N GLN B 143 5.92 -1.97 18.24
CA GLN B 143 5.24 -3.16 17.69
C GLN B 143 3.86 -3.35 18.33
N ARG B 144 3.18 -2.22 18.57
CA ARG B 144 1.84 -2.21 19.16
C ARG B 144 0.80 -1.52 18.31
N SER B 145 1.19 -0.61 17.43
CA SER B 145 0.26 0.17 16.62
C SER B 145 0.44 -0.19 15.16
N ALA B 146 -0.64 -0.65 14.52
CA ALA B 146 -0.57 -0.96 13.09
C ALA B 146 -0.41 0.29 12.21
N VAL B 147 -0.82 1.47 12.69
CA VAL B 147 -0.58 2.69 11.90
C VAL B 147 0.79 3.29 12.14
N VAL B 148 1.57 2.74 13.06
CA VAL B 148 2.96 3.18 13.31
C VAL B 148 3.90 2.00 13.05
N GLY B 149 4.02 1.58 11.80
CA GLY B 149 4.91 0.46 11.56
C GLY B 149 6.29 0.96 11.21
N SER B 150 6.66 0.73 9.96
CA SER B 150 7.87 1.31 9.40
C SER B 150 7.77 2.82 9.25
N ARG B 151 6.69 3.45 9.70
CA ARG B 151 6.58 4.91 9.61
C ARG B 151 7.37 5.61 10.69
N ALA B 152 7.72 4.90 11.76
CA ALA B 152 8.55 5.45 12.82
C ALA B 152 10.02 5.17 12.56
N PHE B 153 10.87 6.12 12.99
CA PHE B 153 12.33 5.94 12.86
C PHE B 153 12.84 4.82 13.74
N GLU B 154 12.32 4.69 14.96
CA GLU B 154 12.94 3.85 15.98
C GLU B 154 11.92 3.64 17.09
N GLY B 155 12.24 2.73 18.00
CA GLY B 155 11.50 2.57 19.23
C GLY B 155 12.21 3.25 20.39
N ASP B 156 13.47 3.60 20.20
CA ASP B 156 14.19 4.30 21.24
C ASP B 156 13.91 5.80 21.16
N PRO B 157 13.51 6.43 22.26
CA PRO B 157 13.07 7.83 22.17
C PRO B 157 14.18 8.78 21.78
N GLU B 158 15.39 8.59 22.29
CA GLU B 158 16.46 9.54 22.03
C GLU B 158 16.89 9.53 20.57
N ARG B 159 17.11 8.34 19.99
CA ARG B 159 17.57 8.25 18.61
C ARG B 159 16.45 8.55 17.61
N ALA B 160 15.19 8.30 17.97
CA ALA B 160 14.07 8.77 17.15
C ALA B 160 14.09 10.29 17.03
N ALA B 161 14.21 10.99 18.17
CA ALA B 161 14.33 12.45 18.10
C ALA B 161 15.59 12.87 17.32
N LEU B 162 16.71 12.16 17.50
CA LEU B 162 17.93 12.51 16.78
C LEU B 162 17.74 12.40 15.27
N LEU B 163 17.21 11.26 14.82
CA LEU B 163 17.01 11.05 13.39
C LEU B 163 15.93 11.98 12.82
N ALA B 164 14.82 12.17 13.55
CA ALA B 164 13.77 13.08 13.07
C ALA B 164 14.26 14.52 12.99
N GLY B 165 15.12 14.92 13.93
CA GLY B 165 15.65 16.27 13.88
C GLY B 165 16.54 16.49 12.66
N ALA B 166 17.28 15.44 12.26
CA ALA B 166 18.06 15.52 11.02
C ALA B 166 17.14 15.54 9.81
N PHE B 167 16.02 14.81 9.87
CA PHE B 167 15.09 14.84 8.75
C PHE B 167 14.51 16.24 8.57
N ILE B 168 14.21 16.92 9.67
CA ILE B 168 13.65 18.27 9.64
C ILE B 168 14.69 19.29 9.13
N ARG B 169 15.95 19.14 9.52
CA ARG B 169 16.97 20.03 8.96
C ARG B 169 17.02 19.92 7.45
N GLY B 170 16.77 18.73 6.91
CA GLY B 170 16.76 18.56 5.47
C GLY B 170 15.60 19.31 4.84
N MET B 171 14.38 19.09 5.36
CA MET B 171 13.21 19.81 4.89
C MET B 171 13.43 21.33 4.92
N HIS B 172 14.00 21.85 6.01
CA HIS B 172 14.19 23.31 6.13
C HIS B 172 15.20 23.84 5.11
N ALA B 173 16.30 23.11 4.91
CA ALA B 173 17.26 23.49 3.87
C ALA B 173 16.62 23.51 2.50
N ALA B 174 15.63 22.66 2.27
CA ALA B 174 14.87 22.70 1.04
C ALA B 174 13.85 23.83 1.00
N GLY B 175 13.58 24.48 2.14
CA GLY B 175 12.63 25.58 2.22
C GLY B 175 11.23 25.24 2.71
N MET B 176 11.03 24.09 3.36
CA MET B 176 9.69 23.59 3.67
C MET B 176 9.52 23.49 5.18
N ALA B 177 8.37 23.94 5.66
CA ALA B 177 8.07 23.86 7.09
C ALA B 177 7.69 22.42 7.46
N ALA B 178 7.95 22.04 8.71
CA ALA B 178 7.84 20.64 9.15
C ALA B 178 6.72 20.42 10.16
N THR B 179 6.03 19.28 10.02
CA THR B 179 4.86 18.92 10.82
C THR B 179 5.09 17.56 11.47
N GLY B 180 5.50 17.57 12.74
CA GLY B 180 5.58 16.34 13.48
C GLY B 180 4.20 15.80 13.82
N LYS B 181 4.11 14.49 13.89
CA LYS B 181 2.85 13.81 14.22
C LYS B 181 3.17 12.41 14.78
N HIS B 182 2.32 11.83 15.63
CA HIS B 182 1.04 12.36 16.04
C HIS B 182 1.02 12.62 17.55
N PHE B 183 1.03 13.90 17.93
CA PHE B 183 1.17 14.30 19.34
C PHE B 183 0.04 13.77 20.23
N PRO B 184 0.35 13.27 21.44
CA PRO B 184 1.66 13.14 22.09
C PRO B 184 2.34 11.79 21.83
N GLY B 185 1.85 11.07 20.81
CA GLY B 185 2.45 9.80 20.46
C GLY B 185 1.41 8.73 20.22
N HIS B 186 1.44 8.15 19.03
CA HIS B 186 0.49 7.13 18.64
C HIS B 186 1.02 5.70 18.81
N GLY B 187 2.23 5.53 19.35
CA GLY B 187 2.89 4.23 19.26
C GLY B 187 2.36 3.15 20.18
N TRP B 188 1.75 3.54 21.30
CA TRP B 188 1.28 2.55 22.28
C TRP B 188 -0.17 2.15 22.09
N ALA B 189 -0.95 2.91 21.32
CA ALA B 189 -2.38 2.69 21.20
C ALA B 189 -2.72 1.94 19.92
N GLU B 190 -3.57 0.92 20.03
CA GLU B 190 -4.02 0.17 18.87
C GLU B 190 -4.68 1.10 17.86
N ALA B 191 -4.35 0.89 16.59
CA ALA B 191 -4.46 1.95 15.60
C ALA B 191 -5.87 2.16 15.08
N ASP B 192 -6.41 1.14 14.42
CA ASP B 192 -7.67 1.25 13.69
C ASP B 192 -8.81 0.77 14.56
N SER B 193 -9.85 1.59 14.68
CA SER B 193 -10.96 1.24 15.57
C SER B 193 -12.23 1.96 15.12
N HIS B 194 -13.25 1.19 14.74
CA HIS B 194 -14.59 1.69 14.53
C HIS B 194 -15.52 1.37 15.70
N VAL B 195 -15.06 0.56 16.66
CA VAL B 195 -15.87 0.20 17.82
C VAL B 195 -15.88 1.33 18.86
N ALA B 196 -14.74 2.00 19.03
CA ALA B 196 -14.56 3.16 19.89
C ALA B 196 -13.16 3.68 19.56
N ILE B 197 -12.85 4.88 20.03
CA ILE B 197 -11.56 5.43 19.64
C ILE B 197 -10.48 4.95 20.61
N PRO B 198 -9.28 4.66 20.11
CA PRO B 198 -8.32 3.90 20.91
C PRO B 198 -7.71 4.70 22.05
N GLU B 199 -7.16 3.95 23.01
CA GLU B 199 -6.69 4.51 24.27
C GLU B 199 -5.26 4.08 24.55
N ASP B 200 -4.53 4.97 25.22
CA ASP B 200 -3.23 4.69 25.81
C ASP B 200 -3.42 4.90 27.31
N ALA B 201 -3.56 3.81 28.05
CA ALA B 201 -4.01 3.91 29.43
C ALA B 201 -2.89 4.23 30.41
N ARG B 202 -1.72 4.67 29.94
CA ARG B 202 -0.58 4.88 30.82
C ARG B 202 -0.69 6.21 31.57
N SER B 203 -0.03 6.26 32.71
CA SER B 203 0.12 7.49 33.48
C SER B 203 0.91 8.54 32.69
N LEU B 204 0.68 9.81 33.05
CA LEU B 204 1.36 10.91 32.36
C LEU B 204 2.88 10.78 32.47
N GLU B 205 3.38 10.29 33.61
CA GLU B 205 4.82 10.24 33.80
C GLU B 205 5.48 9.23 32.88
N GLU B 206 4.81 8.11 32.59
CA GLU B 206 5.35 7.11 31.67
C GLU B 206 5.35 7.63 30.24
N ILE B 207 4.24 8.26 29.82
CA ILE B 207 4.21 8.90 28.51
C ILE B 207 5.32 9.94 28.41
N ARG B 208 5.56 10.66 29.50
CA ARG B 208 6.54 11.75 29.46
C ARG B 208 7.94 11.23 29.18
N ARG B 209 8.28 10.06 29.70
CA ARG B 209 9.62 9.54 29.54
C ARG B 209 9.78 8.63 28.33
N SER B 210 8.73 8.43 27.54
CA SER B 210 8.85 7.58 26.36
C SER B 210 8.33 8.30 25.12
N ASP B 211 7.04 8.21 24.86
CA ASP B 211 6.48 8.71 23.61
C ASP B 211 6.52 10.22 23.51
N LEU B 212 6.52 10.93 24.64
CA LEU B 212 6.55 12.39 24.58
C LEU B 212 7.94 12.93 24.31
N VAL B 213 9.00 12.14 24.54
CA VAL B 213 10.37 12.63 24.40
C VAL B 213 10.62 13.30 23.03
N PRO B 214 10.32 12.66 21.90
CA PRO B 214 10.61 13.31 20.60
C PRO B 214 9.88 14.62 20.39
N PHE B 215 8.66 14.76 20.89
CA PHE B 215 7.97 16.03 20.76
C PHE B 215 8.64 17.09 21.62
N ALA B 216 9.14 16.68 22.78
CA ALA B 216 9.77 17.63 23.69
C ALA B 216 11.13 18.08 23.16
N ARG B 217 11.90 17.14 22.62
CA ARG B 217 13.20 17.48 22.06
C ARG B 217 13.08 18.40 20.85
N LEU B 218 12.02 18.26 20.05
CA LEU B 218 11.90 18.98 18.78
C LEU B 218 10.89 20.11 18.81
N ALA B 219 10.29 20.41 19.97
CA ALA B 219 9.33 21.48 20.07
C ALA B 219 9.89 22.79 19.53
N GLY B 220 11.17 23.03 19.75
CA GLY B 220 11.79 24.26 19.29
C GLY B 220 12.00 24.32 17.79
N GLN B 221 12.05 23.18 17.10
CA GLN B 221 12.40 23.20 15.69
C GLN B 221 11.23 22.95 14.78
N LEU B 222 10.17 22.33 15.29
CA LEU B 222 9.00 22.04 14.48
C LEU B 222 8.25 23.34 14.20
N ASP B 223 7.67 23.43 12.99
CA ASP B 223 6.81 24.55 12.67
C ASP B 223 5.36 24.25 12.94
N ALA B 224 4.98 22.97 12.95
CA ALA B 224 3.61 22.57 13.22
C ALA B 224 3.60 21.20 13.87
N LEU B 225 2.42 20.83 14.35
CA LEU B 225 2.16 19.54 14.97
C LEU B 225 0.71 19.15 14.68
N MET B 226 0.47 17.85 14.64
CA MET B 226 -0.84 17.28 14.48
C MET B 226 -1.05 16.26 15.60
N PRO B 227 -2.21 16.25 16.25
CA PRO B 227 -2.44 15.31 17.35
C PRO B 227 -2.89 13.93 16.86
N ALA B 228 -2.73 12.96 17.75
CA ALA B 228 -3.26 11.61 17.57
C ALA B 228 -4.73 11.56 17.94
N HIS B 229 -5.48 10.74 17.21
CA HIS B 229 -6.88 10.47 17.53
C HIS B 229 -6.91 9.37 18.59
N VAL B 230 -6.46 9.73 19.80
CA VAL B 230 -6.22 8.79 20.90
C VAL B 230 -6.59 9.45 22.22
N ILE B 231 -7.34 8.74 23.07
CA ILE B 231 -7.61 9.19 24.43
C ILE B 231 -6.58 8.58 25.36
N TYR B 232 -6.06 9.40 26.28
CA TYR B 232 -5.14 8.96 27.32
C TYR B 232 -5.89 9.22 28.62
N PRO B 233 -6.69 8.26 29.09
CA PRO B 233 -7.68 8.58 30.13
C PRO B 233 -7.09 8.97 31.49
N GLN B 234 -5.85 8.57 31.79
CA GLN B 234 -5.20 9.02 33.01
C GLN B 234 -4.72 10.46 32.94
N VAL B 235 -4.75 11.06 31.75
CA VAL B 235 -4.39 12.46 31.57
C VAL B 235 -5.61 13.31 31.26
N ASP B 236 -6.47 12.87 30.35
CA ASP B 236 -7.64 13.65 29.96
C ASP B 236 -8.71 12.76 29.34
N PRO B 237 -9.99 12.99 29.64
CA PRO B 237 -11.06 12.26 28.91
C PRO B 237 -11.14 12.60 27.42
N GLN B 238 -10.59 13.74 26.96
CA GLN B 238 -10.78 14.01 25.54
C GLN B 238 -9.64 13.47 24.69
N PRO B 239 -9.92 13.12 23.44
CA PRO B 239 -8.83 12.95 22.47
C PRO B 239 -7.91 14.16 22.51
N ALA B 240 -6.60 13.89 22.37
CA ALA B 240 -5.59 14.95 22.42
C ALA B 240 -5.96 16.13 21.53
N GLY B 241 -6.51 15.88 20.35
CA GLY B 241 -6.87 16.97 19.46
C GLY B 241 -8.03 17.83 19.93
N PHE B 242 -8.70 17.42 21.02
CA PHE B 242 -9.83 18.15 21.58
C PHE B 242 -9.60 18.49 23.05
N SER B 243 -8.34 18.41 23.52
CA SER B 243 -8.00 18.49 24.94
C SER B 243 -7.25 19.79 25.20
N ARG B 244 -7.85 20.67 26.00
CA ARG B 244 -7.13 21.89 26.36
C ARG B 244 -5.91 21.57 27.23
N ARG B 245 -5.94 20.46 27.97
CA ARG B 245 -4.77 20.13 28.79
C ARG B 245 -3.61 19.63 27.94
N TRP B 246 -3.88 18.76 26.96
CA TRP B 246 -2.83 18.29 26.07
C TRP B 246 -2.26 19.45 25.25
N LEU B 247 -3.13 20.25 24.65
CA LEU B 247 -2.67 21.25 23.69
C LEU B 247 -2.17 22.51 24.38
N GLN B 248 -2.84 22.96 25.44
CA GLN B 248 -2.51 24.24 26.07
C GLN B 248 -1.46 24.08 27.17
N GLU B 249 -1.80 23.40 28.27
CA GLU B 249 -0.89 23.32 29.40
C GLU B 249 0.36 22.52 29.06
N ILE B 250 0.18 21.32 28.51
CA ILE B 250 1.31 20.46 28.22
C ILE B 250 2.07 20.98 26.99
N LEU B 251 1.42 20.99 25.82
CA LEU B 251 2.12 21.31 24.58
C LEU B 251 2.63 22.75 24.58
N ARG B 252 1.77 23.73 24.86
CA ARG B 252 2.20 25.11 24.70
C ARG B 252 2.96 25.63 25.92
N GLY B 253 2.52 25.27 27.12
CA GLY B 253 3.16 25.80 28.31
C GLY B 253 4.36 24.97 28.73
N GLU B 254 4.17 23.66 28.85
CA GLU B 254 5.22 22.79 29.35
C GLU B 254 6.32 22.60 28.31
N LEU B 255 5.96 22.17 27.09
CA LEU B 255 6.98 21.97 26.06
C LEU B 255 7.38 23.25 25.35
N LYS B 256 6.61 24.34 25.54
CA LYS B 256 6.89 25.66 24.97
C LYS B 256 6.90 25.62 23.44
N PHE B 257 5.87 25.01 22.87
CA PHE B 257 5.73 24.94 21.42
C PHE B 257 4.87 26.11 20.99
N ASP B 258 5.40 26.94 20.09
CA ASP B 258 4.66 28.10 19.60
C ASP B 258 4.44 28.05 18.09
N GLY B 259 4.36 26.85 17.52
CA GLY B 259 4.06 26.66 16.12
C GLY B 259 2.57 26.51 15.85
N VAL B 260 2.26 26.00 14.67
CA VAL B 260 0.89 25.76 14.23
C VAL B 260 0.43 24.39 14.72
N ILE B 261 -0.82 24.31 15.20
CA ILE B 261 -1.47 23.04 15.53
C ILE B 261 -2.55 22.80 14.47
N PHE B 262 -2.34 21.76 13.64
CA PHE B 262 -3.41 21.22 12.81
C PHE B 262 -4.24 20.26 13.65
N SER B 263 -5.55 20.21 13.40
CA SER B 263 -6.33 19.17 14.04
C SER B 263 -6.05 17.82 13.36
N ASP B 264 -6.58 16.74 13.94
CA ASP B 264 -6.69 15.46 13.26
C ASP B 264 -7.86 15.53 12.25
N ASP B 265 -8.09 14.43 11.51
CA ASP B 265 -9.14 14.40 10.48
C ASP B 265 -10.51 14.45 11.15
N LEU B 266 -11.20 15.58 11.01
CA LEU B 266 -12.48 15.77 11.67
C LEU B 266 -13.59 14.91 11.09
N SER B 267 -13.41 14.42 9.87
CA SER B 267 -14.41 13.56 9.23
C SER B 267 -13.88 12.14 9.11
N MET B 268 -12.98 11.76 10.01
CA MET B 268 -12.39 10.43 10.02
C MET B 268 -13.49 9.39 10.23
N ALA B 269 -13.23 8.18 9.72
CA ALA B 269 -14.10 7.04 9.93
C ALA B 269 -13.77 6.37 11.26
N GLY B 270 -14.81 5.94 11.97
CA GLY B 270 -14.67 5.42 13.33
C GLY B 270 -14.46 6.48 14.38
N ALA B 271 -14.04 7.68 13.98
CA ALA B 271 -13.85 8.83 14.87
C ALA B 271 -15.15 9.19 15.58
N HIS B 272 -15.49 8.43 16.61
CA HIS B 272 -16.67 8.75 17.39
C HIS B 272 -16.31 9.90 18.32
N VAL B 273 -16.58 11.11 17.86
CA VAL B 273 -16.52 12.31 18.68
C VAL B 273 -17.81 13.05 18.37
N VAL B 274 -18.88 12.69 19.10
CA VAL B 274 -20.25 12.91 18.63
C VAL B 274 -20.50 14.38 18.32
N GLY B 275 -21.32 14.61 17.29
CA GLY B 275 -21.64 15.89 16.70
C GLY B 275 -21.44 15.78 15.21
N ASP B 276 -21.39 16.92 14.55
CA ASP B 276 -21.10 16.96 13.13
C ASP B 276 -19.78 17.69 12.91
N ALA B 277 -19.41 17.86 11.64
CA ALA B 277 -18.15 18.54 11.34
C ALA B 277 -18.15 19.96 11.88
N ALA B 278 -19.34 20.55 12.04
CA ALA B 278 -19.43 21.92 12.57
C ALA B 278 -19.10 21.96 14.06
N SER B 279 -19.72 21.10 14.87
CA SER B 279 -19.41 21.14 16.30
C SER B 279 -18.00 20.64 16.57
N ARG B 280 -17.48 19.71 15.75
CA ARG B 280 -16.11 19.24 16.00
C ARG B 280 -15.06 20.29 15.65
N ILE B 281 -15.24 21.03 14.56
CA ILE B 281 -14.26 22.08 14.26
C ILE B 281 -14.30 23.17 15.34
N GLU B 282 -15.49 23.48 15.86
CA GLU B 282 -15.60 24.42 16.97
C GLU B 282 -14.77 23.95 18.15
N ALA B 283 -14.98 22.69 18.56
CA ALA B 283 -14.25 22.14 19.70
C ALA B 283 -12.75 22.11 19.43
N ALA B 284 -12.35 21.64 18.25
CA ALA B 284 -10.93 21.64 17.92
C ALA B 284 -10.33 23.03 18.12
N LEU B 285 -10.98 24.05 17.57
CA LEU B 285 -10.47 25.40 17.72
C LEU B 285 -10.52 25.86 19.17
N ALA B 286 -11.53 25.39 19.93
CA ALA B 286 -11.60 25.77 21.33
C ALA B 286 -10.48 25.13 22.14
N ALA B 287 -10.11 23.90 21.79
CA ALA B 287 -9.04 23.23 22.53
C ALA B 287 -7.68 23.84 22.20
N GLY B 288 -7.52 24.42 21.01
CA GLY B 288 -6.28 25.09 20.68
C GLY B 288 -5.74 24.84 19.28
N CYS B 289 -6.51 24.16 18.43
CA CYS B 289 -6.03 23.97 17.06
C CYS B 289 -6.14 25.27 16.28
N ASP B 290 -5.25 25.41 15.30
CA ASP B 290 -5.29 26.55 14.40
C ASP B 290 -6.09 26.24 13.13
N MET B 291 -6.06 25.00 12.65
CA MET B 291 -6.69 24.66 11.39
C MET B 291 -7.35 23.29 11.50
N GLY B 292 -8.62 23.21 11.13
CA GLY B 292 -9.34 21.93 11.12
C GLY B 292 -9.31 21.30 9.73
N LEU B 293 -9.06 19.99 9.72
CA LEU B 293 -9.02 19.17 8.52
C LEU B 293 -10.33 18.41 8.37
N VAL B 294 -11.01 18.59 7.24
CA VAL B 294 -12.19 17.83 6.86
C VAL B 294 -11.86 17.11 5.55
N CYS B 295 -11.48 15.84 5.67
CA CYS B 295 -11.01 15.03 4.55
C CYS B 295 -12.13 14.16 3.99
N ASN B 296 -12.13 13.99 2.68
CA ASN B 296 -12.89 12.95 1.98
C ASN B 296 -14.40 13.06 2.18
N ASP B 297 -14.94 14.25 2.49
CA ASP B 297 -16.38 14.38 2.79
C ASP B 297 -16.78 15.84 2.55
N ARG B 298 -17.17 16.15 1.31
CA ARG B 298 -17.42 17.54 0.92
C ARG B 298 -18.62 18.13 1.67
N ALA B 299 -19.66 17.33 1.91
CA ALA B 299 -20.80 17.83 2.69
C ALA B 299 -20.38 18.25 4.09
N SER B 300 -19.49 17.47 4.73
CA SER B 300 -18.97 17.86 6.04
C SER B 300 -18.09 19.09 5.94
N ALA B 301 -17.28 19.18 4.87
CA ALA B 301 -16.49 20.38 4.68
C ALA B 301 -17.36 21.62 4.60
N GLU B 302 -18.53 21.51 3.96
CA GLU B 302 -19.41 22.67 3.84
C GLU B 302 -20.04 23.04 5.18
N LEU B 303 -20.44 22.02 5.98
CA LEU B 303 -20.95 22.32 7.32
C LEU B 303 -19.91 23.00 8.18
N ALA B 304 -18.66 22.53 8.13
CA ALA B 304 -17.59 23.16 8.89
C ALA B 304 -17.36 24.59 8.44
N LEU B 305 -17.37 24.83 7.13
CA LEU B 305 -17.26 26.20 6.63
C LEU B 305 -18.39 27.09 7.18
N ALA B 306 -19.65 26.64 7.08
CA ALA B 306 -20.75 27.48 7.58
C ALA B 306 -20.56 27.80 9.05
N ALA B 307 -19.98 26.88 9.82
CA ALA B 307 -19.72 27.13 11.23
C ALA B 307 -18.63 28.19 11.43
N LEU B 308 -17.54 28.10 10.67
CA LEU B 308 -16.53 29.15 10.73
C LEU B 308 -17.13 30.51 10.38
N GLN B 309 -18.05 30.54 9.41
CA GLN B 309 -18.71 31.78 9.03
C GLN B 309 -19.57 32.32 10.19
N ARG B 310 -20.37 31.45 10.81
CA ARG B 310 -21.18 31.87 11.95
C ARG B 310 -20.32 32.43 13.07
N LEU B 311 -19.22 31.75 13.39
CA LEU B 311 -18.29 32.23 14.42
C LEU B 311 -17.54 33.49 13.99
N LYS B 312 -17.59 33.87 12.71
CA LYS B 312 -16.87 35.05 12.22
C LYS B 312 -15.38 34.95 12.51
N VAL B 313 -14.81 33.75 12.34
CA VAL B 313 -13.39 33.56 12.62
C VAL B 313 -12.54 34.28 11.58
N THR B 314 -11.30 34.55 11.96
CA THR B 314 -10.28 35.16 11.12
C THR B 314 -9.06 34.26 11.17
N PRO B 315 -8.16 34.34 10.18
CA PRO B 315 -7.09 33.36 10.09
C PRO B 315 -6.10 33.50 11.23
N PRO B 316 -5.58 32.40 11.74
CA PRO B 316 -4.49 32.51 12.71
C PRO B 316 -3.28 33.16 12.05
N SER B 317 -2.63 34.05 12.81
CA SER B 317 -1.43 34.75 12.34
C SER B 317 -0.34 33.78 11.91
N ARG B 318 -0.09 32.76 12.74
CA ARG B 318 0.96 31.77 12.50
C ARG B 318 0.89 31.12 11.12
N LEU B 319 -0.25 31.17 10.45
CA LEU B 319 -0.54 30.20 9.39
C LEU B 319 0.42 30.36 8.21
N GLN B 320 0.81 31.58 7.88
CA GLN B 320 1.62 31.79 6.70
C GLN B 320 3.07 31.36 6.89
N ARG B 321 3.48 31.02 8.12
CA ARG B 321 4.80 30.41 8.31
C ARG B 321 4.90 29.04 7.64
N MET B 322 3.77 28.35 7.45
CA MET B 322 3.80 27.06 6.77
C MET B 322 3.98 27.15 5.25
N ARG B 323 3.88 28.34 4.65
CA ARG B 323 4.01 28.44 3.19
C ARG B 323 5.40 28.00 2.77
N GLY B 324 5.47 27.24 1.67
CA GLY B 324 6.77 26.79 1.20
C GLY B 324 7.62 27.97 0.73
N LYS B 325 8.90 27.93 1.10
CA LYS B 325 9.85 28.94 0.64
C LYS B 325 10.73 28.44 -0.51
N GLY B 326 10.62 27.18 -0.88
CA GLY B 326 11.17 26.76 -2.14
C GLY B 326 10.27 27.14 -3.29
N TYR B 327 10.83 27.22 -4.48
CA TYR B 327 10.06 27.60 -5.65
C TYR B 327 9.67 26.36 -6.47
N ALA B 328 8.55 26.48 -7.19
CA ALA B 328 8.03 25.41 -8.03
C ALA B 328 8.63 25.51 -9.43
N ASN B 329 9.00 24.38 -9.99
CA ASN B 329 9.96 24.37 -11.07
C ASN B 329 10.15 22.95 -11.60
N THR B 330 11.03 22.83 -12.60
CA THR B 330 11.52 21.56 -13.11
C THR B 330 13.06 21.58 -13.09
N ASP B 331 13.63 22.43 -12.23
CA ASP B 331 15.04 22.80 -12.22
C ASP B 331 15.87 22.01 -11.24
N TYR B 332 15.25 21.50 -10.17
CA TYR B 332 15.96 21.07 -8.98
C TYR B 332 16.95 19.95 -9.26
N ARG B 333 16.70 19.14 -10.27
CA ARG B 333 17.50 17.97 -10.60
C ARG B 333 18.88 18.31 -11.07
N GLN B 334 19.37 19.55 -11.00
CA GLN B 334 20.74 19.85 -11.41
C GLN B 334 21.51 20.70 -10.40
N GLN B 335 20.92 21.02 -9.25
CA GLN B 335 21.69 21.58 -8.15
C GLN B 335 22.72 20.56 -7.68
N PRO B 336 23.90 21.00 -7.24
CA PRO B 336 24.88 20.04 -6.74
C PRO B 336 24.34 19.18 -5.61
N ARG B 337 23.48 19.73 -4.77
CA ARG B 337 22.95 18.94 -3.65
C ARG B 337 22.09 17.78 -4.14
N TRP B 338 21.33 18.00 -5.21
CA TRP B 338 20.45 16.94 -5.73
C TRP B 338 21.23 15.69 -6.08
N LEU B 339 22.28 15.83 -6.89
CA LEU B 339 23.12 14.68 -7.25
C LEU B 339 23.82 14.10 -6.04
N GLU B 340 24.07 14.91 -5.01
CA GLU B 340 24.74 14.41 -3.82
C GLU B 340 23.78 13.59 -2.95
N ALA B 341 22.53 14.04 -2.81
CA ALA B 341 21.55 13.24 -2.10
C ALA B 341 21.32 11.91 -2.82
N LEU B 342 21.15 11.94 -4.14
CA LEU B 342 20.94 10.72 -4.90
C LEU B 342 22.07 9.72 -4.69
N SER B 343 23.31 10.20 -4.76
CA SER B 343 24.46 9.30 -4.61
C SER B 343 24.48 8.62 -3.25
N ALA B 344 24.28 9.39 -2.17
CA ALA B 344 24.36 8.82 -0.83
C ALA B 344 23.19 7.86 -0.57
N LEU B 345 21.99 8.24 -1.01
CA LEU B 345 20.84 7.37 -0.83
C LEU B 345 20.96 6.11 -1.69
N ARG B 346 21.52 6.22 -2.90
CA ARG B 346 21.74 5.02 -3.71
C ARG B 346 22.77 4.09 -3.07
N ALA B 347 23.80 4.68 -2.44
CA ALA B 347 24.89 3.90 -1.87
C ALA B 347 24.43 3.12 -0.64
N ALA B 348 23.40 3.60 0.05
CA ALA B 348 22.82 2.88 1.18
C ALA B 348 21.68 1.99 0.76
N GLN B 349 21.37 1.92 -0.54
CA GLN B 349 20.30 1.06 -1.06
C GLN B 349 18.97 1.46 -0.46
N LEU B 350 18.79 2.75 -0.26
CA LEU B 350 17.53 3.32 0.21
C LEU B 350 16.64 3.78 -0.93
N ILE B 351 17.21 4.12 -2.07
CA ILE B 351 16.46 4.47 -3.27
C ILE B 351 17.08 3.74 -4.45
N ASP B 352 16.44 3.93 -5.61
CA ASP B 352 16.97 3.45 -6.88
C ASP B 352 17.21 4.61 -7.86
#